data_1RLT
#
_entry.id   1RLT
#
_cell.length_a   71.761
_cell.length_b   91.166
_cell.length_c   183.850
_cell.angle_alpha   90.00
_cell.angle_beta   90.00
_cell.angle_gamma   90.00
#
_symmetry.space_group_name_H-M   'P 21 21 21'
#
loop_
_entity.id
_entity.type
_entity.pdbx_description
1 polymer Phosphatase
2 non-polymer 'MAGNESIUM ION'
3 non-polymer 'ACETATE ION'
4 non-polymer 'ALUMINUM FLUORIDE'
5 non-polymer GLYCEROL
6 water water
#
_entity_poly.entity_id   1
_entity_poly.type   'polypeptide(L)'
_entity_poly.pdbx_seq_one_letter_code
;MAVKVIVTDMDGTFLNDAKTYNQPRFMAQYQELKKRGIKFVVASGNQYYQLISFFPELKDEISFVAENGALVYEHGKQLF
HGELTRHESRIVIGELLKDKQLNFVACGLQSAYVSENAPEAFVALMAKHYHRLKPVKDYQEIDDVLFKFSLNLPDEQIPL
VIDKLHVALDGIMKPVTSGFGFIDLIIPGLHKANGISRLLKRWDLSPQNVVAIGDSGNDAEMLKMARYSFAMGNAAENIK
QIARYATDDNNHEGALNVIQAVLDNTYPFNS
;
_entity_poly.pdbx_strand_id   A,B,C,D
#
loop_
_chem_comp.id
_chem_comp.type
_chem_comp.name
_chem_comp.formula
ACT non-polymer 'ACETATE ION' 'C2 H3 O2 -1'
AF3 non-polymer 'ALUMINUM FLUORIDE' 'Al F3'
GOL non-polymer GLYCEROL 'C3 H8 O3'
MG non-polymer 'MAGNESIUM ION' 'Mg 2'
#
# COMPACT_ATOMS: atom_id res chain seq x y z
N VAL A 3 -25.44 -19.82 45.75
CA VAL A 3 -24.42 -20.43 44.83
C VAL A 3 -24.22 -21.92 45.12
N LYS A 4 -24.56 -22.76 44.15
CA LYS A 4 -24.43 -24.21 44.30
C LYS A 4 -23.59 -24.79 43.16
N VAL A 5 -23.33 -23.99 42.15
CA VAL A 5 -22.56 -24.47 41.00
C VAL A 5 -21.70 -23.38 40.37
N ILE A 6 -20.43 -23.72 40.12
CA ILE A 6 -19.49 -22.82 39.48
C ILE A 6 -19.08 -23.50 38.17
N VAL A 7 -19.36 -22.86 37.04
CA VAL A 7 -19.03 -23.43 35.73
C VAL A 7 -17.96 -22.58 35.03
N THR A 8 -16.94 -23.24 34.50
CA THR A 8 -15.91 -22.49 33.82
C THR A 8 -15.45 -22.97 32.45
N ASP A 9 -15.15 -21.97 31.66
CA ASP A 9 -14.63 -22.12 30.32
C ASP A 9 -13.13 -22.41 30.54
N MET A 10 -12.40 -22.86 29.50
CA MET A 10 -10.97 -23.15 29.65
C MET A 10 -10.07 -22.17 28.87
N ASP A 11 -10.08 -22.23 27.54
CA ASP A 11 -9.24 -21.32 26.76
C ASP A 11 -9.62 -19.85 26.96
N GLY A 12 -8.64 -19.03 27.32
CA GLY A 12 -8.90 -17.61 27.56
C GLY A 12 -9.68 -17.36 28.84
N THR A 13 -9.86 -18.40 29.65
CA THR A 13 -10.59 -18.25 30.90
C THR A 13 -9.81 -18.79 32.08
N PHE A 14 -10.11 -20.05 32.41
CA PHE A 14 -9.47 -20.82 33.47
C PHE A 14 -7.98 -21.05 33.12
N LEU A 15 -7.68 -21.00 31.82
CA LEU A 15 -6.33 -21.20 31.34
C LEU A 15 -5.68 -19.89 30.91
N ASN A 16 -4.42 -19.71 31.30
CA ASN A 16 -3.67 -18.52 30.89
C ASN A 16 -3.24 -18.80 29.46
N ASP A 17 -2.54 -17.86 28.81
CA ASP A 17 -2.13 -18.04 27.42
C ASP A 17 -1.22 -19.24 27.20
N ALA A 18 -0.46 -19.61 28.22
CA ALA A 18 0.44 -20.75 28.10
C ALA A 18 -0.29 -22.07 28.38
N LYS A 19 -1.62 -21.99 28.53
CA LYS A 19 -2.46 -23.15 28.79
C LYS A 19 -2.25 -23.85 30.12
N THR A 20 -1.87 -23.08 31.15
CA THR A 20 -1.70 -23.63 32.49
C THR A 20 -2.55 -22.80 33.47
N TYR A 21 -2.64 -23.29 34.70
CA TYR A 21 -3.38 -22.63 35.77
C TYR A 21 -2.70 -22.93 37.11
N ASN A 22 -3.00 -22.12 38.13
CA ASN A 22 -2.43 -22.27 39.46
C ASN A 22 -3.05 -23.48 40.16
N GLN A 23 -2.44 -24.64 40.00
CA GLN A 23 -2.99 -25.87 40.59
C GLN A 23 -3.06 -25.88 42.10
N PRO A 24 -1.97 -25.49 42.77
CA PRO A 24 -2.03 -25.48 44.23
C PRO A 24 -3.18 -24.59 44.73
N ARG A 25 -3.32 -23.41 44.15
CA ARG A 25 -4.38 -22.49 44.56
C ARG A 25 -5.79 -23.05 44.28
N PHE A 26 -6.03 -23.53 43.06
CA PHE A 26 -7.33 -24.09 42.74
C PHE A 26 -7.64 -25.32 43.57
N MET A 27 -6.63 -26.16 43.80
CA MET A 27 -6.85 -27.37 44.60
C MET A 27 -7.33 -27.02 46.02
N ALA A 28 -6.74 -26.00 46.64
CA ALA A 28 -7.20 -25.61 47.97
C ALA A 28 -8.63 -25.09 47.85
N GLN A 29 -8.88 -24.23 46.86
CA GLN A 29 -10.23 -23.70 46.68
C GLN A 29 -11.24 -24.82 46.48
N TYR A 30 -10.94 -25.74 45.56
CA TYR A 30 -11.84 -26.84 45.30
C TYR A 30 -12.18 -27.58 46.58
N GLN A 31 -11.19 -27.77 47.45
CA GLN A 31 -11.43 -28.46 48.71
C GLN A 31 -12.49 -27.71 49.53
N GLU A 32 -12.43 -26.38 49.50
CA GLU A 32 -13.41 -25.58 50.23
C GLU A 32 -14.77 -25.60 49.53
N LEU A 33 -14.75 -25.71 48.20
CA LEU A 33 -16.01 -25.77 47.45
C LEU A 33 -16.69 -27.10 47.76
N LYS A 34 -15.92 -28.19 47.75
CA LYS A 34 -16.47 -29.51 48.05
C LYS A 34 -17.07 -29.50 49.45
N LYS A 35 -16.28 -29.00 50.40
CA LYS A 35 -16.70 -28.91 51.78
C LYS A 35 -18.03 -28.16 51.91
N ARG A 36 -18.24 -27.15 51.07
CA ARG A 36 -19.48 -26.38 51.12
C ARG A 36 -20.59 -26.96 50.25
N GLY A 37 -20.31 -28.08 49.60
CA GLY A 37 -21.29 -28.72 48.76
C GLY A 37 -21.52 -28.06 47.41
N ILE A 38 -20.66 -27.09 47.06
CA ILE A 38 -20.78 -26.40 45.78
C ILE A 38 -20.09 -27.24 44.69
N LYS A 39 -20.76 -27.42 43.57
CA LYS A 39 -20.21 -28.21 42.48
C LYS A 39 -19.34 -27.45 41.51
N PHE A 40 -18.40 -28.16 40.88
CA PHE A 40 -17.50 -27.55 39.92
C PHE A 40 -17.65 -28.22 38.55
N VAL A 41 -17.95 -27.40 37.55
CA VAL A 41 -18.15 -27.89 36.19
C VAL A 41 -17.28 -27.14 35.15
N VAL A 42 -16.74 -27.89 34.19
CA VAL A 42 -15.92 -27.34 33.11
C VAL A 42 -16.77 -27.46 31.86
N ALA A 43 -17.12 -26.33 31.26
CA ALA A 43 -17.95 -26.29 30.05
C ALA A 43 -17.07 -25.80 28.93
N SER A 44 -16.75 -26.70 28.00
CA SER A 44 -15.84 -26.36 26.93
C SER A 44 -16.06 -27.03 25.57
N GLY A 45 -15.63 -26.34 24.53
CA GLY A 45 -15.75 -26.89 23.20
C GLY A 45 -14.72 -27.99 23.02
N ASN A 46 -13.74 -28.07 23.90
CA ASN A 46 -12.69 -29.09 23.74
C ASN A 46 -13.19 -30.51 24.00
N GLN A 47 -12.43 -31.50 23.53
CA GLN A 47 -12.74 -32.91 23.69
C GLN A 47 -12.68 -33.34 25.15
N TYR A 48 -13.58 -34.24 25.53
CA TYR A 48 -13.62 -34.75 26.89
C TYR A 48 -12.24 -35.23 27.31
N TYR A 49 -11.55 -35.93 26.41
CA TYR A 49 -10.23 -36.48 26.74
C TYR A 49 -9.13 -35.41 26.93
N GLN A 50 -9.21 -34.27 26.29
CA GLN A 50 -8.16 -33.28 26.56
C GLN A 50 -8.55 -32.52 27.82
N LEU A 51 -9.86 -32.37 28.05
CA LEU A 51 -10.32 -31.66 29.24
C LEU A 51 -9.89 -32.34 30.54
N ILE A 52 -10.08 -33.66 30.64
CA ILE A 52 -9.67 -34.37 31.86
C ILE A 52 -8.15 -34.37 32.05
N SER A 53 -7.41 -34.09 30.97
CA SER A 53 -5.95 -34.06 31.07
C SER A 53 -5.52 -32.88 31.94
N PHE A 54 -6.41 -31.90 32.11
CA PHE A 54 -6.08 -30.73 32.92
C PHE A 54 -6.45 -30.93 34.39
N PHE A 55 -7.27 -31.94 34.69
CA PHE A 55 -7.67 -32.23 36.07
C PHE A 55 -7.47 -33.73 36.37
N PRO A 56 -6.26 -34.24 36.12
CA PRO A 56 -5.94 -35.65 36.35
C PRO A 56 -6.31 -36.15 37.76
N GLU A 57 -6.16 -35.29 38.76
CA GLU A 57 -6.45 -35.66 40.15
C GLU A 57 -7.91 -35.47 40.59
N LEU A 58 -8.71 -34.78 39.79
CA LEU A 58 -10.12 -34.51 40.15
C LEU A 58 -11.13 -34.95 39.11
N LYS A 59 -10.64 -35.51 38.01
CA LYS A 59 -11.47 -35.96 36.91
C LYS A 59 -12.77 -36.70 37.22
N ASP A 60 -12.77 -37.55 38.26
CA ASP A 60 -13.97 -38.31 38.59
C ASP A 60 -14.89 -37.63 39.59
N GLU A 61 -14.45 -36.49 40.13
CA GLU A 61 -15.26 -35.79 41.10
C GLU A 61 -16.08 -34.69 40.43
N ILE A 62 -15.39 -33.86 39.66
CA ILE A 62 -16.05 -32.75 38.99
C ILE A 62 -16.79 -33.24 37.73
N SER A 63 -17.58 -32.36 37.12
CA SER A 63 -18.35 -32.71 35.94
C SER A 63 -17.87 -31.94 34.73
N PHE A 64 -18.15 -32.49 33.55
CA PHE A 64 -17.70 -31.86 32.32
C PHE A 64 -18.79 -31.76 31.26
N VAL A 65 -18.80 -30.62 30.64
CA VAL A 65 -19.66 -30.35 29.51
C VAL A 65 -18.69 -30.13 28.37
N ALA A 66 -18.38 -31.21 27.64
CA ALA A 66 -17.40 -31.16 26.56
C ALA A 66 -17.99 -30.97 25.17
N GLU A 67 -17.11 -30.85 24.19
CA GLU A 67 -17.52 -30.68 22.81
C GLU A 67 -18.58 -29.62 22.66
N ASN A 68 -18.38 -28.49 23.34
CA ASN A 68 -19.29 -27.34 23.27
C ASN A 68 -20.72 -27.66 23.65
N GLY A 69 -20.92 -28.78 24.33
CA GLY A 69 -22.26 -29.15 24.73
C GLY A 69 -22.70 -30.53 24.24
N ALA A 70 -21.91 -31.16 23.38
CA ALA A 70 -22.31 -32.46 22.85
C ALA A 70 -22.12 -33.67 23.74
N LEU A 71 -21.25 -33.56 24.74
CA LEU A 71 -20.96 -34.68 25.63
C LEU A 71 -20.94 -34.17 27.05
N VAL A 72 -21.63 -34.87 27.93
CA VAL A 72 -21.69 -34.46 29.34
C VAL A 72 -21.40 -35.63 30.27
N TYR A 73 -20.45 -35.42 31.16
CA TYR A 73 -20.08 -36.40 32.18
C TYR A 73 -20.43 -35.83 33.55
N GLU A 74 -21.05 -36.67 34.37
CA GLU A 74 -21.44 -36.27 35.71
C GLU A 74 -20.69 -37.17 36.70
N HIS A 75 -19.80 -36.57 37.46
CA HIS A 75 -19.03 -37.31 38.47
C HIS A 75 -18.43 -38.61 37.93
N GLY A 76 -17.77 -38.53 36.78
CA GLY A 76 -17.12 -39.70 36.21
C GLY A 76 -17.93 -40.56 35.26
N LYS A 77 -19.24 -40.40 35.25
CA LYS A 77 -20.09 -41.20 34.37
C LYS A 77 -20.67 -40.40 33.21
N GLN A 78 -20.62 -40.99 32.03
CA GLN A 78 -21.16 -40.35 30.83
C GLN A 78 -22.67 -40.19 31.01
N LEU A 79 -23.15 -38.96 30.88
CA LEU A 79 -24.57 -38.71 31.07
C LEU A 79 -25.35 -38.53 29.77
N PHE A 80 -24.77 -37.83 28.82
CA PHE A 80 -25.45 -37.58 27.56
C PHE A 80 -24.46 -37.31 26.44
N HIS A 81 -24.89 -37.56 25.21
CA HIS A 81 -24.07 -37.28 24.05
C HIS A 81 -25.03 -37.14 22.89
N GLY A 82 -24.85 -36.08 22.10
CA GLY A 82 -25.72 -35.90 20.97
C GLY A 82 -25.20 -36.75 19.83
N GLU A 83 -25.81 -36.61 18.66
CA GLU A 83 -25.35 -37.35 17.51
C GLU A 83 -26.09 -36.97 16.24
N LEU A 84 -25.35 -36.95 15.14
CA LEU A 84 -25.91 -36.65 13.84
C LEU A 84 -26.39 -38.01 13.30
N THR A 85 -27.45 -38.00 12.51
CA THR A 85 -27.93 -39.25 11.93
C THR A 85 -26.90 -39.59 10.88
N ARG A 86 -26.90 -40.83 10.41
CA ARG A 86 -25.95 -41.22 9.37
C ARG A 86 -26.07 -40.30 8.15
N HIS A 87 -27.29 -39.92 7.81
CA HIS A 87 -27.50 -39.05 6.64
C HIS A 87 -27.03 -37.63 6.88
N GLU A 88 -27.32 -37.09 8.05
CA GLU A 88 -26.93 -35.73 8.39
C GLU A 88 -25.41 -35.58 8.30
N SER A 89 -24.67 -36.53 8.87
CA SER A 89 -23.21 -36.46 8.83
C SER A 89 -22.70 -36.59 7.40
N ARG A 90 -23.30 -37.49 6.64
CA ARG A 90 -22.88 -37.67 5.25
C ARG A 90 -23.02 -36.32 4.55
N ILE A 91 -24.16 -35.66 4.77
CA ILE A 91 -24.42 -34.36 4.17
C ILE A 91 -23.39 -33.30 4.56
N VAL A 92 -23.23 -33.08 5.87
CA VAL A 92 -22.26 -32.10 6.37
C VAL A 92 -20.88 -32.38 5.81
N ILE A 93 -20.44 -33.62 5.96
CA ILE A 93 -19.12 -34.00 5.48
C ILE A 93 -19.02 -33.76 3.98
N GLY A 94 -20.07 -34.15 3.24
CA GLY A 94 -20.06 -33.96 1.80
C GLY A 94 -19.91 -32.48 1.46
N GLU A 95 -20.57 -31.62 2.23
CA GLU A 95 -20.50 -30.18 2.01
C GLU A 95 -19.10 -29.66 2.30
N LEU A 96 -18.52 -30.06 3.43
CA LEU A 96 -17.18 -29.61 3.81
C LEU A 96 -16.15 -30.03 2.78
N LEU A 97 -16.23 -31.28 2.32
CA LEU A 97 -15.31 -31.82 1.33
C LEU A 97 -15.39 -31.10 -0.04
N LYS A 98 -16.42 -30.29 -0.25
CA LYS A 98 -16.52 -29.57 -1.51
C LYS A 98 -15.42 -28.52 -1.59
N ASP A 99 -14.92 -28.11 -0.43
CA ASP A 99 -13.85 -27.12 -0.34
C ASP A 99 -12.54 -27.90 -0.23
N LYS A 100 -11.97 -28.29 -1.35
CA LYS A 100 -10.74 -29.06 -1.38
C LYS A 100 -9.55 -28.31 -0.82
N GLN A 101 -9.81 -27.24 -0.07
CA GLN A 101 -8.76 -26.42 0.51
C GLN A 101 -8.95 -26.37 2.03
N LEU A 102 -10.12 -26.84 2.47
CA LEU A 102 -10.47 -26.83 3.88
C LEU A 102 -9.97 -28.02 4.67
N ASN A 103 -9.47 -27.74 5.86
CA ASN A 103 -8.99 -28.77 6.77
C ASN A 103 -9.97 -28.75 7.92
N PHE A 104 -10.34 -29.92 8.42
CA PHE A 104 -11.29 -29.99 9.53
C PHE A 104 -11.15 -31.29 10.29
N VAL A 105 -11.76 -31.30 11.47
CA VAL A 105 -11.74 -32.48 12.32
C VAL A 105 -13.18 -32.94 12.56
N ALA A 106 -13.40 -34.24 12.49
CA ALA A 106 -14.69 -34.83 12.75
C ALA A 106 -14.62 -35.30 14.21
N CYS A 107 -15.51 -34.78 15.05
CA CYS A 107 -15.50 -35.13 16.46
C CYS A 107 -16.51 -36.19 16.85
N GLY A 108 -16.01 -37.33 17.34
CA GLY A 108 -16.89 -38.41 17.73
C GLY A 108 -16.81 -38.80 19.20
N LEU A 109 -17.77 -39.61 19.62
CA LEU A 109 -17.87 -40.09 21.00
C LEU A 109 -16.62 -40.82 21.48
N GLN A 110 -16.06 -41.68 20.63
CA GLN A 110 -14.87 -42.44 21.01
C GLN A 110 -13.56 -41.73 20.72
N SER A 111 -13.57 -40.89 19.70
CA SER A 111 -12.35 -40.17 19.30
C SER A 111 -12.69 -39.10 18.30
N ALA A 112 -11.74 -38.22 17.97
CA ALA A 112 -11.93 -37.22 16.95
C ALA A 112 -11.16 -37.81 15.77
N TYR A 113 -11.44 -37.34 14.56
CA TYR A 113 -10.80 -37.87 13.38
C TYR A 113 -10.38 -36.76 12.43
N VAL A 114 -9.28 -36.99 11.72
CA VAL A 114 -8.79 -36.00 10.77
C VAL A 114 -8.18 -36.72 9.58
N SER A 115 -8.29 -36.10 8.42
CA SER A 115 -7.75 -36.68 7.19
C SER A 115 -6.26 -36.91 7.36
N GLU A 116 -5.77 -38.05 6.87
CA GLU A 116 -4.34 -38.32 6.97
C GLU A 116 -3.59 -37.42 5.98
N ASN A 117 -4.34 -36.60 5.26
CA ASN A 117 -3.79 -35.68 4.28
C ASN A 117 -3.94 -34.22 4.73
N ALA A 118 -3.81 -33.99 6.03
CA ALA A 118 -3.94 -32.65 6.57
C ALA A 118 -2.57 -32.10 6.92
N PRO A 119 -2.39 -30.78 6.76
CA PRO A 119 -1.12 -30.10 7.06
C PRO A 119 -0.65 -30.43 8.47
N GLU A 120 0.63 -30.77 8.59
CA GLU A 120 1.21 -31.10 9.88
C GLU A 120 0.90 -30.05 10.94
N ALA A 121 0.95 -28.78 10.55
CA ALA A 121 0.68 -27.68 11.47
C ALA A 121 -0.75 -27.69 11.98
N PHE A 122 -1.66 -28.16 11.14
CA PHE A 122 -3.07 -28.19 11.53
C PHE A 122 -3.27 -29.30 12.55
N VAL A 123 -2.65 -30.45 12.30
CA VAL A 123 -2.78 -31.58 13.21
C VAL A 123 -2.23 -31.27 14.59
N ALA A 124 -1.09 -30.58 14.64
CA ALA A 124 -0.48 -30.24 15.92
C ALA A 124 -1.40 -29.32 16.73
N LEU A 125 -2.00 -28.35 16.05
CA LEU A 125 -2.90 -27.43 16.73
C LEU A 125 -4.10 -28.23 17.27
N MET A 126 -4.72 -29.02 16.40
CA MET A 126 -5.89 -29.80 16.82
C MET A 126 -5.53 -30.83 17.89
N ALA A 127 -4.30 -31.31 17.87
CA ALA A 127 -3.84 -32.27 18.87
C ALA A 127 -3.86 -31.65 20.26
N LYS A 128 -3.83 -30.32 20.34
CA LYS A 128 -3.85 -29.62 21.65
C LYS A 128 -5.27 -29.43 22.17
N HIS A 129 -6.29 -29.79 21.35
CA HIS A 129 -7.68 -29.66 21.76
C HIS A 129 -8.40 -31.01 21.74
N TYR A 130 -7.77 -32.00 21.12
CA TYR A 130 -8.32 -33.35 21.03
C TYR A 130 -7.18 -34.33 21.27
N HIS A 131 -7.11 -34.89 22.46
CA HIS A 131 -6.06 -35.84 22.77
C HIS A 131 -6.30 -37.19 22.08
N ARG A 132 -7.51 -37.41 21.62
CA ARG A 132 -7.80 -38.63 20.85
C ARG A 132 -8.13 -38.14 19.45
N LEU A 133 -7.10 -38.16 18.60
CA LEU A 133 -7.19 -37.68 17.23
C LEU A 133 -6.61 -38.74 16.28
N LYS A 134 -7.50 -39.40 15.53
CA LYS A 134 -7.06 -40.47 14.65
C LYS A 134 -7.12 -40.12 13.17
N PRO A 135 -6.03 -40.42 12.43
CA PRO A 135 -6.01 -40.13 11.00
C PRO A 135 -6.92 -41.13 10.30
N VAL A 136 -7.63 -40.67 9.28
CA VAL A 136 -8.51 -41.57 8.54
C VAL A 136 -8.34 -41.32 7.05
N LYS A 137 -8.76 -42.29 6.25
CA LYS A 137 -8.66 -42.14 4.81
C LYS A 137 -9.94 -41.55 4.26
N ASP A 138 -11.06 -41.85 4.92
CA ASP A 138 -12.37 -41.39 4.46
C ASP A 138 -13.25 -40.97 5.64
N TYR A 139 -13.59 -39.68 5.72
CA TYR A 139 -14.46 -39.19 6.79
C TYR A 139 -15.80 -39.92 6.76
N GLN A 140 -16.22 -40.35 5.58
CA GLN A 140 -17.51 -41.04 5.42
C GLN A 140 -17.49 -42.47 5.97
N GLU A 141 -16.31 -43.03 6.18
CA GLU A 141 -16.20 -44.41 6.67
C GLU A 141 -15.87 -44.53 8.15
N ILE A 142 -16.18 -43.50 8.91
CA ILE A 142 -15.90 -43.51 10.34
C ILE A 142 -16.95 -44.32 11.11
N ASP A 143 -16.48 -45.30 11.86
CA ASP A 143 -17.37 -46.15 12.65
C ASP A 143 -17.39 -45.60 14.07
N ASP A 144 -18.23 -44.60 14.27
CA ASP A 144 -18.36 -43.95 15.58
C ASP A 144 -19.54 -43.02 15.40
N VAL A 145 -20.09 -42.55 16.51
CA VAL A 145 -21.19 -41.61 16.42
C VAL A 145 -20.50 -40.23 16.36
N LEU A 146 -20.91 -39.39 15.42
CA LEU A 146 -20.32 -38.05 15.29
C LEU A 146 -21.31 -37.02 15.81
N PHE A 147 -20.81 -35.94 16.41
CA PHE A 147 -21.67 -34.90 16.95
C PHE A 147 -21.12 -33.47 16.87
N LYS A 148 -20.01 -33.28 16.18
CA LYS A 148 -19.42 -31.94 16.04
C LYS A 148 -18.23 -31.95 15.08
N PHE A 149 -17.93 -30.79 14.51
CA PHE A 149 -16.77 -30.64 13.62
C PHE A 149 -15.99 -29.38 14.03
N SER A 150 -14.69 -29.38 13.77
CA SER A 150 -13.84 -28.23 14.09
C SER A 150 -13.18 -27.82 12.79
N LEU A 151 -13.40 -26.57 12.38
CA LEU A 151 -12.88 -26.10 11.11
C LEU A 151 -11.62 -25.24 11.18
N ASN A 152 -10.73 -25.50 10.24
CA ASN A 152 -9.48 -24.76 10.13
C ASN A 152 -9.78 -23.43 9.41
N LEU A 153 -10.52 -22.55 10.10
CA LEU A 153 -10.89 -21.22 9.60
C LEU A 153 -11.00 -20.31 10.80
N PRO A 154 -10.40 -19.11 10.73
CA PRO A 154 -10.45 -18.13 11.84
C PRO A 154 -11.90 -17.80 12.18
N ASP A 155 -12.21 -17.69 13.47
CA ASP A 155 -13.59 -17.39 13.87
C ASP A 155 -14.05 -16.06 13.31
N GLU A 156 -13.10 -15.28 12.83
CA GLU A 156 -13.39 -14.00 12.23
C GLU A 156 -14.32 -14.19 11.03
N GLN A 157 -14.20 -15.33 10.37
CA GLN A 157 -15.02 -15.62 9.19
C GLN A 157 -16.37 -16.26 9.53
N ILE A 158 -16.75 -16.28 10.81
CA ILE A 158 -18.04 -16.87 11.19
C ILE A 158 -19.24 -16.29 10.43
N PRO A 159 -19.34 -14.96 10.31
CA PRO A 159 -20.49 -14.39 9.59
C PRO A 159 -20.59 -14.95 8.18
N LEU A 160 -19.44 -15.19 7.57
CA LEU A 160 -19.39 -15.74 6.23
C LEU A 160 -19.82 -17.21 6.25
N VAL A 161 -19.33 -17.96 7.23
CA VAL A 161 -19.66 -19.38 7.33
C VAL A 161 -21.17 -19.57 7.57
N ILE A 162 -21.77 -18.68 8.35
CA ILE A 162 -23.20 -18.78 8.61
C ILE A 162 -23.97 -18.71 7.28
N ASP A 163 -23.65 -17.71 6.46
CA ASP A 163 -24.31 -17.56 5.17
C ASP A 163 -24.07 -18.72 4.22
N LYS A 164 -22.83 -19.18 4.12
CA LYS A 164 -22.53 -20.31 3.23
C LYS A 164 -23.24 -21.59 3.65
N LEU A 165 -23.22 -21.90 4.94
CA LEU A 165 -23.83 -23.12 5.44
C LEU A 165 -25.33 -23.00 5.68
N HIS A 166 -25.83 -21.78 5.77
CA HIS A 166 -27.24 -21.55 6.00
C HIS A 166 -28.08 -22.30 4.97
N VAL A 167 -27.67 -22.18 3.72
CA VAL A 167 -28.37 -22.82 2.60
C VAL A 167 -27.90 -24.24 2.37
N ALA A 168 -26.58 -24.46 2.43
CA ALA A 168 -26.01 -25.78 2.18
C ALA A 168 -26.38 -26.84 3.22
N LEU A 169 -26.52 -26.44 4.48
CA LEU A 169 -26.86 -27.39 5.53
C LEU A 169 -28.24 -27.10 6.13
N ASP A 170 -28.84 -25.99 5.73
CA ASP A 170 -30.16 -25.61 6.23
C ASP A 170 -30.21 -25.72 7.74
N GLY A 171 -29.09 -25.42 8.39
CA GLY A 171 -29.05 -25.48 9.83
C GLY A 171 -28.91 -26.86 10.44
N ILE A 172 -28.37 -27.81 9.69
CA ILE A 172 -28.17 -29.14 10.25
C ILE A 172 -27.16 -28.89 11.38
N MET A 173 -26.27 -27.93 11.15
CA MET A 173 -25.27 -27.54 12.13
C MET A 173 -25.04 -26.05 12.03
N LYS A 174 -24.71 -25.44 13.16
CA LYS A 174 -24.48 -24.01 13.27
C LYS A 174 -23.02 -23.72 13.62
N PRO A 175 -22.46 -22.65 13.03
CA PRO A 175 -21.06 -22.30 13.31
C PRO A 175 -20.94 -21.41 14.55
N VAL A 176 -20.05 -21.79 15.45
CA VAL A 176 -19.76 -21.02 16.67
C VAL A 176 -18.26 -21.06 16.84
N THR A 177 -17.72 -20.18 17.68
CA THR A 177 -16.27 -20.19 17.87
C THR A 177 -15.83 -21.39 18.72
N SER A 178 -14.63 -21.88 18.42
CA SER A 178 -14.04 -23.02 19.12
C SER A 178 -13.49 -22.57 20.47
N GLY A 179 -13.23 -21.26 20.59
CA GLY A 179 -12.68 -20.73 21.82
C GLY A 179 -11.17 -20.53 21.69
N PHE A 180 -10.57 -21.13 20.66
CA PHE A 180 -9.14 -20.94 20.45
C PHE A 180 -8.84 -20.35 19.08
N GLY A 181 -9.71 -19.44 18.63
CA GLY A 181 -9.54 -18.73 17.38
C GLY A 181 -10.17 -19.33 16.13
N PHE A 182 -10.73 -20.55 16.23
CA PHE A 182 -11.31 -21.18 15.03
C PHE A 182 -12.81 -21.43 15.15
N ILE A 183 -13.35 -22.19 14.21
CA ILE A 183 -14.79 -22.44 14.18
C ILE A 183 -15.21 -23.90 14.38
N ASP A 184 -16.20 -24.09 15.24
CA ASP A 184 -16.76 -25.40 15.52
C ASP A 184 -18.17 -25.45 14.91
N LEU A 185 -18.52 -26.59 14.32
CA LEU A 185 -19.88 -26.72 13.79
C LEU A 185 -20.60 -27.59 14.82
N ILE A 186 -21.66 -27.05 15.43
CA ILE A 186 -22.41 -27.81 16.43
C ILE A 186 -23.85 -28.08 16.03
N ILE A 187 -24.47 -29.04 16.70
CA ILE A 187 -25.86 -29.34 16.44
C ILE A 187 -26.59 -28.17 17.11
N PRO A 188 -27.41 -27.44 16.35
CA PRO A 188 -28.12 -26.31 16.94
C PRO A 188 -28.80 -26.72 18.24
N GLY A 189 -28.66 -25.89 19.27
CA GLY A 189 -29.28 -26.22 20.55
C GLY A 189 -28.39 -26.98 21.52
N LEU A 190 -27.34 -27.64 21.02
CA LEU A 190 -26.41 -28.39 21.87
C LEU A 190 -25.23 -27.54 22.32
N HIS A 191 -25.53 -26.39 22.91
CA HIS A 191 -24.53 -25.47 23.38
C HIS A 191 -24.25 -25.68 24.86
N LYS A 192 -23.30 -24.91 25.40
CA LYS A 192 -22.93 -25.08 26.79
C LYS A 192 -24.09 -24.95 27.78
N ALA A 193 -24.97 -23.98 27.56
CA ALA A 193 -26.11 -23.80 28.47
C ALA A 193 -26.94 -25.07 28.47
N ASN A 194 -27.21 -25.61 27.28
CA ASN A 194 -28.00 -26.84 27.19
C ASN A 194 -27.30 -27.99 27.91
N GLY A 195 -25.98 -28.06 27.81
CA GLY A 195 -25.24 -29.11 28.48
C GLY A 195 -25.31 -28.94 29.99
N ILE A 196 -25.06 -27.72 30.45
CA ILE A 196 -25.11 -27.44 31.86
C ILE A 196 -26.53 -27.73 32.41
N SER A 197 -27.55 -27.42 31.62
CA SER A 197 -28.92 -27.67 32.06
C SER A 197 -29.13 -29.15 32.42
N ARG A 198 -28.50 -30.04 31.67
CA ARG A 198 -28.65 -31.47 31.95
C ARG A 198 -28.13 -31.82 33.34
N LEU A 199 -27.05 -31.16 33.78
CA LEU A 199 -26.51 -31.46 35.10
C LEU A 199 -27.39 -30.86 36.19
N LEU A 200 -27.89 -29.67 35.95
CA LEU A 200 -28.74 -29.00 36.92
C LEU A 200 -29.99 -29.85 37.15
N LYS A 201 -30.59 -30.34 36.08
CA LYS A 201 -31.78 -31.17 36.20
C LYS A 201 -31.41 -32.37 37.08
N ARG A 202 -30.31 -33.03 36.74
CA ARG A 202 -29.82 -34.18 37.49
C ARG A 202 -29.62 -33.89 38.97
N TRP A 203 -29.12 -32.70 39.28
CA TRP A 203 -28.83 -32.30 40.63
C TRP A 203 -30.00 -31.57 41.32
N ASP A 204 -31.03 -31.27 40.54
CA ASP A 204 -32.19 -30.56 41.07
C ASP A 204 -31.76 -29.19 41.58
N LEU A 205 -31.07 -28.45 40.71
CA LEU A 205 -30.59 -27.11 41.03
C LEU A 205 -31.03 -26.25 39.85
N SER A 206 -31.05 -24.94 40.04
CA SER A 206 -31.47 -24.02 38.98
C SER A 206 -30.39 -23.02 38.64
N PRO A 207 -30.55 -22.31 37.51
CA PRO A 207 -29.58 -21.31 37.07
C PRO A 207 -29.33 -20.28 38.16
N GLN A 208 -30.36 -20.04 38.96
CA GLN A 208 -30.28 -19.10 40.07
C GLN A 208 -29.12 -19.42 41.01
N ASN A 209 -28.65 -20.66 40.98
CA ASN A 209 -27.56 -21.08 41.85
C ASN A 209 -26.26 -21.22 41.05
N VAL A 210 -26.28 -20.71 39.83
CA VAL A 210 -25.11 -20.90 38.97
C VAL A 210 -24.19 -19.72 38.72
N VAL A 211 -22.89 -19.95 38.91
CA VAL A 211 -21.86 -18.98 38.60
C VAL A 211 -21.25 -19.48 37.31
N ALA A 212 -21.08 -18.65 36.33
CA ALA A 212 -20.49 -19.09 35.06
C ALA A 212 -19.43 -18.11 34.63
N ILE A 213 -18.31 -18.62 34.12
CA ILE A 213 -17.20 -17.75 33.69
C ILE A 213 -16.80 -18.06 32.26
N GLY A 214 -16.73 -17.03 31.40
CA GLY A 214 -16.38 -17.25 30.01
C GLY A 214 -15.69 -16.07 29.35
N ASP A 215 -15.31 -16.22 28.08
CA ASP A 215 -14.62 -15.16 27.36
C ASP A 215 -14.91 -15.06 25.86
N SER A 216 -15.51 -16.10 25.27
CA SER A 216 -15.76 -16.03 23.83
C SER A 216 -17.21 -16.33 23.43
N GLY A 217 -17.51 -16.15 22.14
CA GLY A 217 -18.85 -16.36 21.63
C GLY A 217 -19.59 -17.63 22.01
N ASN A 218 -18.88 -18.76 22.10
CA ASN A 218 -19.55 -19.99 22.45
C ASN A 218 -19.96 -20.04 23.89
N ASP A 219 -19.71 -18.95 24.63
CA ASP A 219 -20.10 -18.89 26.04
C ASP A 219 -21.37 -18.06 26.22
N ALA A 220 -21.86 -17.52 25.12
CA ALA A 220 -23.06 -16.68 25.13
C ALA A 220 -24.24 -17.21 25.93
N GLU A 221 -24.81 -18.34 25.53
CA GLU A 221 -25.96 -18.83 26.28
C GLU A 221 -25.63 -19.30 27.68
N MET A 222 -24.39 -19.72 27.92
CA MET A 222 -24.01 -20.14 29.27
C MET A 222 -24.04 -18.95 30.22
N LEU A 223 -23.50 -17.83 29.75
CA LEU A 223 -23.46 -16.63 30.56
C LEU A 223 -24.84 -16.00 30.74
N LYS A 224 -25.63 -15.98 29.68
CA LYS A 224 -26.97 -15.41 29.75
C LYS A 224 -27.84 -16.24 30.71
N MET A 225 -27.59 -17.54 30.76
CA MET A 225 -28.35 -18.44 31.60
C MET A 225 -28.08 -18.33 33.08
N ALA A 226 -26.81 -18.16 33.46
CA ALA A 226 -26.43 -18.08 34.86
C ALA A 226 -26.77 -16.79 35.60
N ARG A 227 -27.18 -16.95 36.85
CA ARG A 227 -27.52 -15.82 37.72
C ARG A 227 -26.23 -14.98 37.89
N TYR A 228 -25.13 -15.68 38.15
CA TYR A 228 -23.85 -15.00 38.34
C TYR A 228 -22.94 -15.24 37.13
N SER A 229 -23.03 -14.35 36.16
CA SER A 229 -22.25 -14.46 34.92
C SER A 229 -21.03 -13.57 34.92
N PHE A 230 -19.87 -14.16 34.63
CA PHE A 230 -18.61 -13.41 34.63
C PHE A 230 -17.88 -13.40 33.30
N ALA A 231 -17.51 -12.21 32.86
CA ALA A 231 -16.73 -12.07 31.65
C ALA A 231 -15.27 -11.86 32.02
N MET A 232 -14.36 -12.62 31.40
CA MET A 232 -12.93 -12.47 31.66
C MET A 232 -12.49 -11.08 31.16
N GLY A 233 -11.46 -10.53 31.78
CA GLY A 233 -10.96 -9.22 31.37
C GLY A 233 -10.59 -9.23 29.89
N ASN A 234 -10.12 -10.37 29.40
CA ASN A 234 -9.73 -10.52 28.00
C ASN A 234 -10.88 -10.98 27.12
N ALA A 235 -12.08 -11.03 27.68
CA ALA A 235 -13.24 -11.50 26.93
C ALA A 235 -13.59 -10.61 25.75
N ALA A 236 -14.34 -11.17 24.80
CA ALA A 236 -14.76 -10.40 23.64
C ALA A 236 -15.82 -9.40 24.08
N GLU A 237 -15.98 -8.34 23.29
CA GLU A 237 -16.95 -7.29 23.58
C GLU A 237 -18.38 -7.74 23.87
N ASN A 238 -18.95 -8.56 22.99
CA ASN A 238 -20.32 -9.02 23.20
C ASN A 238 -20.44 -9.91 24.43
N ILE A 239 -19.33 -10.52 24.86
CA ILE A 239 -19.39 -11.35 26.06
C ILE A 239 -19.36 -10.44 27.29
N LYS A 240 -18.54 -9.39 27.25
CA LYS A 240 -18.47 -8.47 28.37
C LYS A 240 -19.85 -7.83 28.59
N GLN A 241 -20.56 -7.55 27.50
CA GLN A 241 -21.88 -6.96 27.55
C GLN A 241 -22.91 -7.90 28.15
N ILE A 242 -22.90 -9.15 27.67
CA ILE A 242 -23.83 -10.18 28.14
C ILE A 242 -23.69 -10.51 29.64
N ALA A 243 -22.46 -10.66 30.11
CA ALA A 243 -22.21 -11.01 31.52
C ALA A 243 -22.53 -9.82 32.43
N ARG A 244 -23.11 -10.12 33.59
CA ARG A 244 -23.45 -9.08 34.54
C ARG A 244 -22.21 -8.58 35.24
N TYR A 245 -21.23 -9.47 35.42
CA TYR A 245 -20.01 -9.12 36.14
C TYR A 245 -18.75 -9.32 35.34
N ALA A 246 -17.64 -8.88 35.92
CA ALA A 246 -16.34 -8.95 35.28
C ALA A 246 -15.29 -9.42 36.27
N THR A 247 -14.14 -9.84 35.73
CA THR A 247 -13.03 -10.31 36.54
C THR A 247 -11.75 -10.09 35.74
N ASP A 248 -10.60 -10.27 36.38
CA ASP A 248 -9.31 -10.08 35.72
C ASP A 248 -9.14 -10.99 34.50
N ASP A 249 -8.12 -10.75 33.68
CA ASP A 249 -7.94 -11.59 32.50
C ASP A 249 -7.37 -12.95 32.83
N ASN A 250 -7.28 -13.82 31.82
CA ASN A 250 -6.81 -15.19 32.03
C ASN A 250 -5.35 -15.34 32.40
N ASN A 251 -4.58 -14.27 32.24
CA ASN A 251 -3.17 -14.33 32.63
C ASN A 251 -2.97 -13.89 34.07
N HIS A 252 -4.05 -13.46 34.71
CA HIS A 252 -3.99 -13.03 36.09
C HIS A 252 -5.00 -13.77 36.96
N GLU A 253 -5.21 -15.05 36.65
CA GLU A 253 -6.13 -15.88 37.43
C GLU A 253 -7.57 -15.36 37.58
N GLY A 254 -8.10 -14.75 36.54
CA GLY A 254 -9.46 -14.22 36.60
C GLY A 254 -10.50 -15.21 37.08
N ALA A 255 -10.48 -16.40 36.52
CA ALA A 255 -11.44 -17.43 36.90
C ALA A 255 -11.32 -17.76 38.38
N LEU A 256 -10.08 -17.93 38.86
CA LEU A 256 -9.89 -18.28 40.27
C LEU A 256 -10.31 -17.14 41.20
N ASN A 257 -10.24 -15.91 40.72
CA ASN A 257 -10.66 -14.77 41.55
C ASN A 257 -12.17 -14.78 41.72
N VAL A 258 -12.89 -15.27 40.71
CA VAL A 258 -14.34 -15.36 40.84
C VAL A 258 -14.61 -16.40 41.91
N ILE A 259 -13.91 -17.52 41.82
CA ILE A 259 -14.09 -18.58 42.80
C ILE A 259 -13.79 -18.03 44.21
N GLN A 260 -12.69 -17.28 44.33
CA GLN A 260 -12.29 -16.72 45.61
C GLN A 260 -13.40 -15.86 46.15
N ALA A 261 -13.94 -14.99 45.30
CA ALA A 261 -15.01 -14.10 45.70
C ALA A 261 -16.18 -14.91 46.24
N VAL A 262 -16.41 -16.10 45.69
CA VAL A 262 -17.51 -16.93 46.18
C VAL A 262 -17.22 -17.44 47.57
N LEU A 263 -15.99 -17.89 47.81
CA LEU A 263 -15.62 -18.40 49.13
C LEU A 263 -15.56 -17.34 50.21
N ASP A 264 -15.11 -16.13 49.86
CA ASP A 264 -15.01 -15.06 50.84
C ASP A 264 -16.22 -14.13 50.84
N ASN A 265 -17.17 -14.44 49.97
CA ASN A 265 -18.39 -13.64 49.85
C ASN A 265 -18.12 -12.18 49.56
N THR A 266 -17.34 -11.92 48.52
CA THR A 266 -17.04 -10.56 48.14
C THR A 266 -18.01 -10.15 47.03
N TYR A 267 -17.95 -8.93 46.55
CA TYR A 267 -18.94 -8.52 45.47
C TYR A 267 -18.94 -9.55 44.24
N PRO A 268 -20.04 -9.98 43.66
CA PRO A 268 -21.51 -10.09 43.52
C PRO A 268 -21.86 -11.01 44.75
N PHE A 269 -21.04 -11.92 45.27
CA PHE A 269 -21.60 -12.72 46.41
C PHE A 269 -21.69 -12.12 47.82
N ASN A 270 -22.63 -11.20 48.06
CA ASN A 270 -22.85 -10.62 49.40
C ASN A 270 -23.93 -9.55 49.44
N VAL B 3 9.84 61.22 -10.85
CA VAL B 3 10.52 60.23 -11.75
C VAL B 3 10.27 58.78 -11.35
N LYS B 4 9.75 58.00 -12.28
CA LYS B 4 9.48 56.59 -12.03
C LYS B 4 10.31 55.70 -12.95
N VAL B 5 10.86 56.28 -14.01
CA VAL B 5 11.66 55.51 -14.97
C VAL B 5 12.83 56.29 -15.58
N ILE B 6 14.00 55.67 -15.62
CA ILE B 6 15.16 56.30 -16.24
C ILE B 6 15.51 55.40 -17.42
N VAL B 7 15.46 55.98 -18.62
CA VAL B 7 15.76 55.23 -19.82
C VAL B 7 17.01 55.78 -20.49
N THR B 8 17.97 54.90 -20.78
CA THR B 8 19.16 55.39 -21.41
C THR B 8 19.58 54.74 -22.71
N ASP B 9 20.21 55.59 -23.50
CA ASP B 9 20.78 55.24 -24.75
C ASP B 9 22.14 54.66 -24.45
N MET B 10 22.81 53.96 -25.37
CA MET B 10 24.13 53.37 -25.06
C MET B 10 25.29 54.08 -25.78
N ASP B 11 25.40 53.92 -27.10
CA ASP B 11 26.49 54.54 -27.85
C ASP B 11 26.41 56.07 -27.83
N GLY B 12 27.51 56.70 -27.44
CA GLY B 12 27.52 58.15 -27.41
C GLY B 12 26.72 58.72 -26.24
N THR B 13 26.17 57.84 -25.42
CA THR B 13 25.37 58.32 -24.29
C THR B 13 25.83 57.74 -22.96
N PHE B 14 25.39 56.53 -22.63
CA PHE B 14 25.79 55.88 -21.36
C PHE B 14 27.23 55.37 -21.48
N LEU B 15 27.68 55.16 -22.70
CA LEU B 15 29.03 54.65 -22.94
C LEU B 15 29.93 55.76 -23.49
N ASN B 16 31.19 55.78 -23.07
CA ASN B 16 32.11 56.79 -23.60
C ASN B 16 32.63 56.26 -24.93
N ASP B 17 33.51 57.01 -25.57
CA ASP B 17 34.01 56.58 -26.87
C ASP B 17 34.69 55.22 -26.84
N ALA B 18 35.31 54.89 -25.70
CA ALA B 18 35.99 53.62 -25.56
C ALA B 18 35.03 52.50 -25.14
N LYS B 19 33.74 52.78 -25.19
CA LYS B 19 32.72 51.79 -24.86
C LYS B 19 32.68 51.30 -23.41
N THR B 20 33.12 52.12 -22.46
CA THR B 20 33.03 51.71 -21.06
C THR B 20 32.26 52.75 -20.28
N TYR B 21 31.99 52.45 -19.01
CA TYR B 21 31.25 53.38 -18.17
C TYR B 21 31.74 53.18 -16.74
N ASN B 22 31.36 54.09 -15.84
CA ASN B 22 31.80 54.02 -14.44
C ASN B 22 30.97 53.02 -13.66
N GLN B 23 31.40 51.76 -13.61
CA GLN B 23 30.61 50.74 -12.92
C GLN B 23 30.39 50.95 -11.42
N PRO B 24 31.45 51.22 -10.65
CA PRO B 24 31.22 51.42 -9.22
C PRO B 24 30.21 52.54 -8.97
N ARG B 25 30.36 53.65 -9.69
CA ARG B 25 29.46 54.77 -9.53
C ARG B 25 28.02 54.42 -9.92
N PHE B 26 27.84 53.79 -11.07
CA PHE B 26 26.48 53.41 -11.49
C PHE B 26 25.85 52.38 -10.54
N MET B 27 26.65 51.41 -10.07
CA MET B 27 26.13 50.39 -9.16
C MET B 27 25.52 51.05 -7.94
N ALA B 28 26.27 51.97 -7.33
CA ALA B 28 25.82 52.68 -6.15
C ALA B 28 24.56 53.47 -6.47
N GLN B 29 24.53 54.14 -7.62
CA GLN B 29 23.34 54.89 -7.99
C GLN B 29 22.19 53.94 -8.22
N TYR B 30 22.44 52.82 -8.88
CA TYR B 30 21.38 51.85 -9.16
C TYR B 30 20.76 51.26 -7.89
N GLN B 31 21.59 50.89 -6.94
CA GLN B 31 21.05 50.35 -5.69
C GLN B 31 20.08 51.35 -5.09
N GLU B 32 20.37 52.63 -5.24
CA GLU B 32 19.49 53.67 -4.72
C GLU B 32 18.22 53.79 -5.58
N LEU B 33 18.36 53.64 -6.90
CA LEU B 33 17.18 53.73 -7.77
C LEU B 33 16.23 52.60 -7.37
N LYS B 34 16.81 51.42 -7.14
CA LYS B 34 16.04 50.25 -6.73
C LYS B 34 15.27 50.57 -5.43
N LYS B 35 15.98 51.11 -4.44
CA LYS B 35 15.36 51.47 -3.17
C LYS B 35 14.12 52.34 -3.38
N ARG B 36 14.27 53.40 -4.17
CA ARG B 36 13.15 54.31 -4.41
C ARG B 36 12.12 53.76 -5.38
N GLY B 37 12.39 52.58 -5.94
CA GLY B 37 11.45 51.99 -6.88
C GLY B 37 11.48 52.62 -8.27
N ILE B 38 12.61 53.24 -8.62
CA ILE B 38 12.75 53.86 -9.94
C ILE B 38 13.30 52.82 -10.91
N LYS B 39 12.57 52.59 -12.01
CA LYS B 39 12.99 51.59 -13.01
C LYS B 39 14.14 52.07 -13.90
N PHE B 40 15.00 51.14 -14.32
CA PHE B 40 16.10 51.47 -15.20
C PHE B 40 15.93 50.71 -16.50
N VAL B 41 16.00 51.43 -17.61
CA VAL B 41 15.81 50.86 -18.92
C VAL B 41 16.92 51.26 -19.85
N VAL B 42 17.39 50.29 -20.64
CA VAL B 42 18.42 50.51 -21.64
C VAL B 42 17.74 50.38 -23.00
N ALA B 43 17.65 51.49 -23.74
CA ALA B 43 16.99 51.47 -25.05
C ALA B 43 18.01 51.75 -26.15
N SER B 44 18.40 50.70 -26.86
CA SER B 44 19.42 50.79 -27.89
C SER B 44 19.09 50.05 -29.18
N GLY B 45 19.83 50.38 -30.24
CA GLY B 45 19.65 49.72 -31.52
C GLY B 45 20.48 48.45 -31.57
N ASN B 46 21.33 48.26 -30.57
CA ASN B 46 22.20 47.08 -30.52
C ASN B 46 21.46 45.79 -30.14
N GLN B 47 22.12 44.66 -30.39
CA GLN B 47 21.55 43.34 -30.09
C GLN B 47 21.35 43.11 -28.60
N TYR B 48 20.29 42.38 -28.25
CA TYR B 48 20.02 42.12 -26.86
C TYR B 48 21.23 41.41 -26.24
N TYR B 49 21.87 40.53 -27.01
CA TYR B 49 23.00 39.82 -26.43
C TYR B 49 24.20 40.71 -26.19
N GLN B 50 24.43 41.72 -27.02
CA GLN B 50 25.56 42.60 -26.73
C GLN B 50 25.16 43.58 -25.63
N LEU B 51 23.89 43.99 -25.58
CA LEU B 51 23.49 44.91 -24.52
C LEU B 51 23.72 44.33 -23.13
N ILE B 52 23.30 43.09 -22.90
CA ILE B 52 23.51 42.52 -21.58
C ILE B 52 24.97 42.28 -21.24
N SER B 53 25.87 42.34 -22.22
CA SER B 53 27.28 42.16 -21.92
C SER B 53 27.80 43.37 -21.12
N PHE B 54 27.08 44.48 -21.17
CA PHE B 54 27.50 45.67 -20.42
C PHE B 54 26.93 45.65 -19.01
N PHE B 55 25.97 44.77 -18.75
CA PHE B 55 25.35 44.71 -17.43
C PHE B 55 25.29 43.28 -16.91
N PRO B 56 26.41 42.57 -16.93
CA PRO B 56 26.50 41.17 -16.45
C PRO B 56 25.90 40.95 -15.07
N GLU B 57 26.13 41.91 -14.17
CA GLU B 57 25.64 41.76 -12.81
C GLU B 57 24.22 42.24 -12.55
N LEU B 58 23.57 42.85 -13.54
CA LEU B 58 22.21 43.37 -13.32
C LEU B 58 21.26 42.97 -14.42
N LYS B 59 21.76 42.22 -15.39
CA LYS B 59 20.99 41.77 -16.55
C LYS B 59 19.55 41.32 -16.26
N ASP B 60 19.30 40.69 -15.11
CA ASP B 60 17.94 40.24 -14.80
C ASP B 60 17.10 41.24 -13.98
N GLU B 61 17.69 42.37 -13.61
CA GLU B 61 16.96 43.35 -12.83
C GLU B 61 16.46 44.51 -13.68
N ILE B 62 17.31 45.01 -14.56
CA ILE B 62 16.91 46.12 -15.40
C ILE B 62 16.15 45.61 -16.61
N SER B 63 15.65 46.54 -17.42
CA SER B 63 14.92 46.17 -18.63
C SER B 63 15.65 46.67 -19.88
N PHE B 64 15.37 46.02 -21.00
CA PHE B 64 16.02 46.39 -22.25
C PHE B 64 15.09 46.50 -23.42
N VAL B 65 15.34 47.51 -24.22
CA VAL B 65 14.66 47.75 -25.44
C VAL B 65 15.78 47.66 -26.48
N ALA B 66 15.99 46.44 -26.99
CA ALA B 66 17.05 46.19 -27.95
C ALA B 66 16.58 46.21 -29.38
N GLU B 67 17.54 46.09 -30.31
CA GLU B 67 17.24 46.09 -31.75
C GLU B 67 16.32 47.26 -32.09
N ASN B 68 16.64 48.43 -31.53
CA ASN B 68 15.86 49.63 -31.79
C ASN B 68 14.37 49.48 -31.46
N GLY B 69 14.03 48.49 -30.66
CA GLY B 69 12.63 48.31 -30.30
C GLY B 69 12.01 46.99 -30.73
N ALA B 70 12.74 46.19 -31.50
CA ALA B 70 12.23 44.90 -31.99
C ALA B 70 12.35 43.75 -30.99
N LEU B 71 13.11 43.94 -29.93
CA LEU B 71 13.26 42.89 -28.91
C LEU B 71 13.25 43.57 -27.56
N VAL B 72 12.25 43.23 -26.74
CA VAL B 72 12.10 43.84 -25.43
C VAL B 72 12.06 42.87 -24.26
N TYR B 73 12.93 43.10 -23.28
CA TYR B 73 12.95 42.25 -22.10
C TYR B 73 12.61 43.09 -20.89
N GLU B 74 11.95 42.47 -19.92
CA GLU B 74 11.58 43.14 -18.70
C GLU B 74 11.82 42.16 -17.58
N HIS B 75 12.60 42.61 -16.60
CA HIS B 75 12.94 41.80 -15.44
C HIS B 75 13.44 40.41 -15.79
N GLY B 76 14.25 40.31 -16.83
CA GLY B 76 14.83 39.04 -17.23
C GLY B 76 14.00 38.15 -18.14
N LYS B 77 12.83 38.62 -18.55
CA LYS B 77 11.97 37.82 -19.42
C LYS B 77 11.71 38.49 -20.77
N GLN B 78 11.61 37.69 -21.83
CA GLN B 78 11.33 38.25 -23.15
C GLN B 78 9.86 38.62 -23.16
N LEU B 79 9.58 39.90 -23.37
CA LEU B 79 8.21 40.41 -23.35
C LEU B 79 7.59 40.54 -24.74
N PHE B 80 8.42 40.84 -25.74
CA PHE B 80 7.93 41.03 -27.08
C PHE B 80 9.06 41.03 -28.11
N HIS B 81 8.75 40.57 -29.31
CA HIS B 81 9.71 40.60 -30.38
C HIS B 81 8.99 40.78 -31.69
N GLY B 82 9.54 41.66 -32.52
CA GLY B 82 8.95 41.91 -33.82
C GLY B 82 9.19 40.71 -34.71
N GLU B 83 8.56 40.71 -35.87
CA GLU B 83 8.75 39.60 -36.77
C GLU B 83 8.36 39.86 -38.20
N LEU B 84 9.31 39.54 -39.10
CA LEU B 84 9.06 39.64 -40.52
C LEU B 84 8.62 38.21 -40.85
N THR B 85 7.68 38.06 -41.77
CA THR B 85 7.24 36.72 -42.16
C THR B 85 8.37 36.15 -43.02
N ARG B 86 8.31 34.86 -43.32
CA ARG B 86 9.32 34.23 -44.15
C ARG B 86 9.45 35.02 -45.46
N HIS B 87 8.30 35.26 -46.10
CA HIS B 87 8.25 35.98 -47.36
C HIS B 87 8.75 37.41 -47.27
N GLU B 88 8.34 38.14 -46.23
CA GLU B 88 8.78 39.50 -46.05
C GLU B 88 10.30 39.62 -45.97
N SER B 89 10.96 38.76 -45.20
CA SER B 89 12.41 38.85 -45.08
C SER B 89 13.12 38.47 -46.37
N ARG B 90 12.58 37.49 -47.09
CA ARG B 90 13.19 37.08 -48.35
C ARG B 90 13.10 38.21 -49.36
N ILE B 91 11.98 38.92 -49.38
CA ILE B 91 11.82 40.02 -50.31
C ILE B 91 12.75 41.15 -49.91
N VAL B 92 12.82 41.46 -48.62
CA VAL B 92 13.73 42.51 -48.18
C VAL B 92 15.16 42.12 -48.55
N ILE B 93 15.57 40.92 -48.14
CA ILE B 93 16.91 40.44 -48.45
C ILE B 93 17.11 40.48 -49.96
N GLY B 94 16.11 40.00 -50.70
CA GLY B 94 16.19 40.00 -52.15
C GLY B 94 16.50 41.38 -52.70
N GLU B 95 15.86 42.40 -52.14
CA GLU B 95 16.08 43.76 -52.60
C GLU B 95 17.48 44.23 -52.26
N LEU B 96 17.94 43.91 -51.05
CA LEU B 96 19.27 44.31 -50.62
C LEU B 96 20.33 43.67 -51.51
N LEU B 97 20.17 42.38 -51.78
CA LEU B 97 21.12 41.65 -52.64
C LEU B 97 21.20 42.22 -54.06
N LYS B 98 20.23 43.05 -54.44
CA LYS B 98 20.26 43.65 -55.78
C LYS B 98 21.49 44.52 -55.89
N ASP B 99 21.73 45.32 -54.86
CA ASP B 99 22.89 46.19 -54.82
C ASP B 99 24.07 45.32 -54.38
N LYS B 100 24.69 44.64 -55.33
CA LYS B 100 25.80 43.75 -55.05
C LYS B 100 26.98 44.43 -54.36
N GLN B 101 27.05 45.75 -54.45
CA GLN B 101 28.14 46.49 -53.82
C GLN B 101 27.66 47.03 -52.48
N LEU B 102 26.89 46.21 -51.76
CA LEU B 102 26.35 46.60 -50.46
C LEU B 102 26.50 45.51 -49.40
N ASN B 103 27.01 45.87 -48.24
CA ASN B 103 27.18 44.91 -47.15
C ASN B 103 26.13 45.18 -46.09
N PHE B 104 25.63 44.12 -45.46
CA PHE B 104 24.63 44.28 -44.41
C PHE B 104 24.57 43.09 -43.47
N VAL B 105 23.90 43.29 -42.36
CA VAL B 105 23.74 42.22 -41.39
C VAL B 105 22.24 41.97 -41.26
N ALA B 106 21.84 40.71 -41.13
CA ALA B 106 20.43 40.39 -40.95
C ALA B 106 20.32 40.14 -39.44
N CYS B 107 19.34 40.73 -38.79
CA CYS B 107 19.18 40.60 -37.35
C CYS B 107 18.04 39.72 -36.95
N GLY B 108 18.36 38.61 -36.30
CA GLY B 108 17.33 37.68 -35.87
C GLY B 108 17.22 37.47 -34.37
N LEU B 109 16.22 36.69 -33.98
CA LEU B 109 15.93 36.39 -32.57
C LEU B 109 17.05 35.63 -31.86
N GLN B 110 17.58 34.61 -32.52
CA GLN B 110 18.63 33.81 -31.90
C GLN B 110 20.03 34.35 -32.21
N SER B 111 20.16 35.08 -33.31
CA SER B 111 21.48 35.61 -33.68
C SER B 111 21.35 36.57 -34.86
N ALA B 112 22.45 37.21 -35.21
CA ALA B 112 22.51 38.08 -36.38
C ALA B 112 23.29 37.23 -37.37
N TYR B 113 23.26 37.62 -38.64
CA TYR B 113 23.95 36.87 -39.68
C TYR B 113 24.57 37.83 -40.66
N VAL B 114 25.70 37.45 -41.22
CA VAL B 114 26.39 38.29 -42.19
C VAL B 114 27.09 37.40 -43.23
N SER B 115 27.23 37.90 -44.45
CA SER B 115 27.89 37.13 -45.50
C SER B 115 29.32 36.77 -45.13
N GLU B 116 29.66 35.49 -45.29
CA GLU B 116 31.01 35.04 -44.99
C GLU B 116 32.02 35.65 -45.95
N ASN B 117 31.56 36.53 -46.82
CA ASN B 117 32.45 37.17 -47.79
C ASN B 117 32.51 38.68 -47.62
N ALA B 118 31.87 39.20 -46.58
CA ALA B 118 31.87 40.65 -46.35
C ALA B 118 33.25 41.13 -45.89
N PRO B 119 33.56 42.42 -46.14
CA PRO B 119 34.84 43.03 -45.75
C PRO B 119 35.20 42.69 -44.32
N GLU B 120 36.41 42.18 -44.12
CA GLU B 120 36.89 41.82 -42.79
C GLU B 120 36.60 42.93 -41.78
N ALA B 121 36.72 44.18 -42.20
CA ALA B 121 36.50 45.32 -41.31
C ALA B 121 35.02 45.51 -40.95
N PHE B 122 34.14 45.31 -41.93
CA PHE B 122 32.71 45.47 -41.70
C PHE B 122 32.27 44.49 -40.64
N VAL B 123 32.69 43.25 -40.79
CA VAL B 123 32.35 42.19 -39.86
C VAL B 123 32.85 42.55 -38.46
N ALA B 124 34.02 43.18 -38.40
CA ALA B 124 34.63 43.56 -37.14
C ALA B 124 33.84 44.66 -36.42
N LEU B 125 33.29 45.60 -37.17
CA LEU B 125 32.51 46.67 -36.57
C LEU B 125 31.16 46.14 -36.13
N MET B 126 30.55 45.29 -36.96
CA MET B 126 29.23 44.73 -36.60
C MET B 126 29.29 43.82 -35.38
N ALA B 127 30.44 43.16 -35.19
CA ALA B 127 30.66 42.25 -34.06
C ALA B 127 30.69 42.97 -32.73
N LYS B 128 30.95 44.28 -32.74
CA LYS B 128 30.97 45.07 -31.52
C LYS B 128 29.55 45.46 -31.11
N HIS B 129 28.58 45.26 -32.01
CA HIS B 129 27.19 45.56 -31.74
C HIS B 129 26.26 44.35 -31.77
N TYR B 130 26.78 43.22 -32.24
CA TYR B 130 26.03 41.98 -32.26
C TYR B 130 26.99 40.89 -31.78
N HIS B 131 26.97 40.57 -30.50
CA HIS B 131 27.88 39.56 -30.00
C HIS B 131 27.50 38.19 -30.53
N ARG B 132 26.30 38.10 -31.08
CA ARG B 132 25.82 36.87 -31.68
C ARG B 132 25.77 37.19 -33.18
N LEU B 133 26.82 36.84 -33.89
CA LEU B 133 26.90 37.14 -35.31
C LEU B 133 27.46 35.95 -36.07
N LYS B 134 26.61 35.30 -36.84
CA LYS B 134 27.00 34.12 -37.59
C LYS B 134 27.26 34.32 -39.08
N PRO B 135 28.46 33.92 -39.53
CA PRO B 135 28.81 34.05 -40.95
C PRO B 135 27.99 33.01 -41.71
N VAL B 136 27.34 33.42 -42.79
CA VAL B 136 26.55 32.48 -43.59
C VAL B 136 26.94 32.65 -45.05
N LYS B 137 26.79 31.58 -45.82
CA LYS B 137 27.12 31.62 -47.23
C LYS B 137 25.92 32.12 -48.01
N ASP B 138 24.73 31.88 -47.46
CA ASP B 138 23.48 32.27 -48.11
C ASP B 138 22.54 32.97 -47.12
N TYR B 139 22.11 34.19 -47.42
CA TYR B 139 21.18 34.90 -46.53
C TYR B 139 19.76 34.34 -46.60
N GLN B 140 19.47 33.61 -47.67
CA GLN B 140 18.13 33.05 -47.87
C GLN B 140 17.75 31.91 -46.94
N GLU B 141 18.69 31.01 -46.68
CA GLU B 141 18.40 29.87 -45.82
C GLU B 141 18.66 30.06 -44.32
N ILE B 142 18.27 31.21 -43.78
CA ILE B 142 18.45 31.45 -42.36
C ILE B 142 17.24 30.92 -41.61
N ASP B 143 17.47 29.99 -40.70
CA ASP B 143 16.38 29.43 -39.93
C ASP B 143 16.29 30.19 -38.61
N ASP B 144 15.56 31.30 -38.63
CA ASP B 144 15.41 32.15 -37.45
C ASP B 144 14.36 33.21 -37.78
N VAL B 145 13.91 33.94 -36.76
CA VAL B 145 12.95 35.00 -36.99
C VAL B 145 13.74 36.27 -37.18
N LEU B 146 13.58 36.91 -38.33
CA LEU B 146 14.29 38.15 -38.58
C LEU B 146 13.40 39.35 -38.28
N PHE B 147 13.99 40.43 -37.80
CA PHE B 147 13.20 41.61 -37.48
C PHE B 147 13.92 42.92 -37.70
N LYS B 148 15.13 42.85 -38.27
CA LYS B 148 15.89 44.05 -38.54
C LYS B 148 17.11 43.77 -39.42
N PHE B 149 17.61 44.83 -40.03
CA PHE B 149 18.81 44.76 -40.86
C PHE B 149 19.65 46.00 -40.56
N SER B 150 20.96 45.85 -40.71
CA SER B 150 21.86 46.97 -40.48
C SER B 150 22.73 47.07 -41.72
N LEU B 151 22.64 48.20 -42.42
CA LEU B 151 23.38 48.41 -43.65
C LEU B 151 24.73 49.08 -43.49
N ASN B 152 25.66 48.73 -44.38
CA ASN B 152 27.00 49.31 -44.38
C ASN B 152 27.00 50.62 -45.15
N LEU B 153 26.19 51.57 -44.68
CA LEU B 153 26.10 52.87 -45.32
C LEU B 153 25.97 53.97 -44.26
N PRO B 154 26.78 55.03 -44.39
CA PRO B 154 26.76 56.15 -43.45
C PRO B 154 25.33 56.62 -43.18
N ASP B 155 25.00 56.88 -41.92
CA ASP B 155 23.66 57.33 -41.57
C ASP B 155 23.39 58.76 -42.02
N GLU B 156 24.33 59.35 -42.74
CA GLU B 156 24.16 60.71 -43.24
C GLU B 156 23.28 60.64 -44.49
N GLN B 157 23.12 59.42 -45.01
CA GLN B 157 22.32 59.20 -46.21
C GLN B 157 20.90 58.71 -45.94
N ILE B 158 20.38 58.90 -44.73
CA ILE B 158 19.01 58.49 -44.41
C ILE B 158 18.10 59.18 -45.47
N PRO B 159 18.07 60.54 -45.57
CA PRO B 159 17.30 61.23 -46.58
C PRO B 159 17.61 60.85 -48.00
N LEU B 160 18.89 60.74 -48.30
CA LEU B 160 19.28 60.35 -49.61
C LEU B 160 18.75 58.96 -49.99
N VAL B 161 17.90 58.32 -49.12
CA VAL B 161 17.32 56.99 -49.45
C VAL B 161 15.93 56.64 -48.79
N ILE B 162 15.16 57.58 -48.14
CA ILE B 162 13.84 57.29 -47.45
C ILE B 162 12.71 56.91 -48.40
N ASP B 163 12.69 57.59 -49.50
CA ASP B 163 11.65 57.35 -50.46
C ASP B 163 12.06 56.28 -51.43
N LYS B 164 13.35 55.97 -51.43
CA LYS B 164 13.92 54.99 -52.33
C LYS B 164 13.62 53.59 -51.84
N LEU B 165 13.94 53.35 -50.57
CA LEU B 165 13.70 52.05 -49.96
C LEU B 165 12.23 51.96 -49.60
N HIS B 166 11.59 53.11 -49.43
CA HIS B 166 10.17 53.16 -49.10
C HIS B 166 9.37 52.44 -50.16
N VAL B 167 9.72 52.66 -51.43
CA VAL B 167 9.04 52.04 -52.56
C VAL B 167 9.60 50.66 -52.85
N ALA B 168 10.92 50.57 -52.96
CA ALA B 168 11.57 49.30 -53.24
C ALA B 168 11.20 48.20 -52.25
N LEU B 169 10.98 48.58 -50.99
CA LEU B 169 10.66 47.59 -49.97
C LEU B 169 9.17 47.35 -49.76
N ASP B 170 8.35 47.96 -50.61
CA ASP B 170 6.90 47.78 -50.53
C ASP B 170 6.40 48.01 -49.11
N GLY B 171 6.91 49.05 -48.46
CA GLY B 171 6.49 49.36 -47.10
C GLY B 171 6.81 48.34 -46.03
N ILE B 172 7.54 47.29 -46.38
CA ILE B 172 7.90 46.26 -45.40
C ILE B 172 8.78 46.81 -44.29
N MET B 173 9.77 47.64 -44.64
CA MET B 173 10.66 48.21 -43.63
C MET B 173 11.05 49.66 -43.94
N LYS B 174 11.47 50.39 -42.90
CA LYS B 174 11.85 51.78 -43.00
C LYS B 174 13.28 52.03 -42.47
N PRO B 175 14.01 53.00 -43.06
CA PRO B 175 15.39 53.33 -42.66
C PRO B 175 15.49 54.18 -41.38
N VAL B 176 16.66 54.17 -40.75
CA VAL B 176 16.86 54.93 -39.51
C VAL B 176 18.29 54.72 -39.01
N THR B 177 18.83 55.67 -38.26
CA THR B 177 20.18 55.49 -37.77
C THR B 177 20.28 54.25 -36.87
N SER B 178 21.50 53.73 -36.77
CA SER B 178 21.81 52.54 -36.00
C SER B 178 22.36 52.91 -34.64
N GLY B 179 22.79 54.14 -34.52
CA GLY B 179 23.43 54.58 -33.31
C GLY B 179 24.93 54.58 -33.59
N PHE B 180 25.36 54.28 -34.85
CA PHE B 180 26.81 54.37 -35.05
C PHE B 180 27.29 54.77 -36.44
N GLY B 181 26.59 55.72 -37.08
CA GLY B 181 26.99 56.19 -38.40
C GLY B 181 26.65 55.18 -39.47
N PHE B 182 25.72 54.28 -39.15
CA PHE B 182 25.24 53.29 -40.12
C PHE B 182 23.73 53.36 -40.24
N ILE B 183 23.19 52.67 -41.23
CA ILE B 183 21.74 52.65 -41.48
C ILE B 183 21.08 51.32 -41.10
N ASP B 184 19.96 51.42 -40.40
CA ASP B 184 19.19 50.25 -39.97
C ASP B 184 17.84 50.21 -40.71
N LEU B 185 17.35 49.01 -40.95
CA LEU B 185 16.03 48.83 -41.57
C LEU B 185 15.17 48.25 -40.47
N ILE B 186 14.11 48.96 -40.11
CA ILE B 186 13.23 48.47 -39.06
C ILE B 186 11.79 48.35 -39.56
N ILE B 187 11.03 47.50 -38.86
CA ILE B 187 9.63 47.30 -39.17
C ILE B 187 8.98 48.62 -38.77
N PRO B 188 8.21 49.24 -39.67
CA PRO B 188 7.54 50.51 -39.38
C PRO B 188 6.87 50.54 -38.02
N GLY B 189 7.19 51.55 -37.22
CA GLY B 189 6.59 51.67 -35.91
C GLY B 189 7.37 51.08 -34.75
N LEU B 190 8.29 50.15 -35.01
CA LEU B 190 9.07 49.52 -33.93
C LEU B 190 10.34 50.26 -33.56
N HIS B 191 10.21 51.46 -33.01
CA HIS B 191 11.36 52.24 -32.60
C HIS B 191 11.46 52.20 -31.09
N LYS B 192 12.50 52.85 -30.55
CA LYS B 192 12.70 52.86 -29.10
C LYS B 192 11.48 53.28 -28.31
N ALA B 193 10.85 54.38 -28.73
CA ALA B 193 9.68 54.89 -28.03
C ALA B 193 8.58 53.82 -28.00
N ASN B 194 8.34 53.16 -29.12
CA ASN B 194 7.31 52.11 -29.14
C ASN B 194 7.67 51.05 -28.10
N GLY B 195 8.95 50.69 -28.03
CA GLY B 195 9.41 49.70 -27.05
C GLY B 195 9.28 50.18 -25.62
N ILE B 196 9.71 51.43 -25.38
CA ILE B 196 9.63 51.99 -24.04
C ILE B 196 8.14 52.02 -23.63
N SER B 197 7.27 52.29 -24.59
CA SER B 197 5.84 52.34 -24.31
C SER B 197 5.29 50.99 -23.84
N ARG B 198 5.84 49.90 -24.38
CA ARG B 198 5.37 48.57 -23.98
C ARG B 198 5.59 48.41 -22.49
N LEU B 199 6.76 48.82 -22.04
CA LEU B 199 7.10 48.72 -20.63
C LEU B 199 6.23 49.62 -19.78
N LEU B 200 6.06 50.86 -20.23
CA LEU B 200 5.24 51.80 -19.47
C LEU B 200 3.84 51.25 -19.30
N LYS B 201 3.28 50.68 -20.36
CA LYS B 201 1.94 50.12 -20.29
C LYS B 201 1.90 48.93 -19.32
N ARG B 202 2.93 48.09 -19.38
CA ARG B 202 3.01 46.93 -18.52
C ARG B 202 3.15 47.35 -17.05
N TRP B 203 3.86 48.44 -16.81
CA TRP B 203 4.06 48.93 -15.44
C TRP B 203 2.94 49.89 -15.03
N ASP B 204 2.15 50.34 -16.02
CA ASP B 204 1.08 51.27 -15.76
C ASP B 204 1.70 52.59 -15.28
N LEU B 205 2.69 53.08 -16.03
CA LEU B 205 3.35 54.33 -15.69
C LEU B 205 3.21 55.27 -16.88
N SER B 206 3.34 56.57 -16.62
CA SER B 206 3.19 57.60 -17.63
C SER B 206 4.50 58.25 -18.12
N PRO B 207 4.55 58.63 -19.41
CA PRO B 207 5.71 59.26 -20.02
C PRO B 207 6.11 60.52 -19.24
N GLN B 208 5.18 61.01 -18.43
CA GLN B 208 5.41 62.21 -17.63
C GLN B 208 6.40 61.97 -16.51
N ASN B 209 6.58 60.70 -16.16
CA ASN B 209 7.50 60.35 -15.08
C ASN B 209 8.74 59.67 -15.66
N VAL B 210 8.98 59.91 -16.93
CA VAL B 210 10.11 59.30 -17.62
C VAL B 210 11.28 60.24 -17.88
N VAL B 211 12.48 59.74 -17.60
CA VAL B 211 13.71 60.47 -17.88
C VAL B 211 14.31 59.68 -19.05
N ALA B 212 14.63 60.36 -20.15
CA ALA B 212 15.20 59.72 -21.32
C ALA B 212 16.49 60.46 -21.69
N ILE B 213 17.55 59.69 -21.94
CA ILE B 213 18.84 60.27 -22.27
C ILE B 213 19.35 59.71 -23.59
N GLY B 214 19.67 60.58 -24.55
CA GLY B 214 20.13 60.12 -25.84
C GLY B 214 21.05 61.09 -26.55
N ASP B 215 21.52 60.72 -27.75
CA ASP B 215 22.44 61.56 -28.50
C ASP B 215 22.25 61.57 -30.02
N SER B 216 21.57 60.57 -30.58
CA SER B 216 21.38 60.57 -32.03
C SER B 216 19.95 60.40 -32.54
N GLY B 217 19.84 60.35 -33.87
CA GLY B 217 18.55 60.24 -34.54
C GLY B 217 17.59 59.21 -34.02
N ASN B 218 18.04 57.97 -33.86
CA ASN B 218 17.14 56.93 -33.39
C ASN B 218 16.66 57.19 -31.97
N ASP B 219 17.04 58.33 -31.37
CA ASP B 219 16.58 58.67 -30.02
C ASP B 219 15.48 59.75 -30.06
N ALA B 220 15.21 60.26 -31.26
CA ALA B 220 14.21 61.29 -31.47
C ALA B 220 12.84 61.03 -30.81
N GLU B 221 12.19 59.93 -31.18
CA GLU B 221 10.88 59.63 -30.61
C GLU B 221 10.96 59.41 -29.10
N MET B 222 12.08 58.87 -28.63
CA MET B 222 12.27 58.63 -27.21
C MET B 222 12.31 59.94 -26.44
N LEU B 223 13.17 60.86 -26.86
CA LEU B 223 13.32 62.14 -26.20
C LEU B 223 12.06 63.02 -26.30
N LYS B 224 11.30 62.84 -27.37
CA LYS B 224 10.08 63.61 -27.57
C LYS B 224 8.96 63.13 -26.65
N MET B 225 8.89 61.82 -26.44
CA MET B 225 7.89 61.24 -25.57
C MET B 225 8.11 61.56 -24.11
N ALA B 226 9.37 61.49 -23.67
CA ALA B 226 9.69 61.75 -22.27
C ALA B 226 9.59 63.20 -21.82
N ARG B 227 9.12 63.38 -20.60
CA ARG B 227 8.98 64.70 -20.00
C ARG B 227 10.38 65.21 -19.72
N TYR B 228 11.19 64.38 -19.08
CA TYR B 228 12.56 64.77 -18.76
C TYR B 228 13.53 64.24 -19.80
N SER B 229 13.56 64.91 -20.95
CA SER B 229 14.43 64.51 -22.05
C SER B 229 15.79 65.21 -21.99
N PHE B 230 16.86 64.42 -21.99
CA PHE B 230 18.21 64.97 -21.94
C PHE B 230 19.04 64.67 -23.16
N ALA B 231 19.73 65.68 -23.65
CA ALA B 231 20.60 65.51 -24.81
C ALA B 231 22.03 65.60 -24.35
N MET B 232 22.80 64.56 -24.66
CA MET B 232 24.23 64.49 -24.33
C MET B 232 24.96 65.67 -24.97
N GLY B 233 26.03 66.13 -24.32
CA GLY B 233 26.79 67.26 -24.85
C GLY B 233 27.25 66.99 -26.28
N ASN B 234 27.53 65.73 -26.57
CA ASN B 234 27.99 65.31 -27.88
C ASN B 234 26.87 64.97 -28.86
N ALA B 235 25.62 65.23 -28.47
CA ALA B 235 24.49 64.90 -29.32
C ALA B 235 24.47 65.75 -30.59
N ALA B 236 23.76 65.27 -31.61
CA ALA B 236 23.65 66.00 -32.85
C ALA B 236 22.78 67.23 -32.59
N GLU B 237 22.91 68.25 -33.41
CA GLU B 237 22.15 69.48 -33.24
C GLU B 237 20.65 69.30 -33.02
N ASN B 238 20.00 68.58 -33.93
CA ASN B 238 18.56 68.40 -33.82
C ASN B 238 18.12 67.64 -32.57
N ILE B 239 19.02 66.83 -32.01
CA ILE B 239 18.67 66.08 -30.80
C ILE B 239 18.65 67.08 -29.64
N LYS B 240 19.58 68.03 -29.68
CA LYS B 240 19.64 69.07 -28.64
C LYS B 240 18.38 69.92 -28.70
N GLN B 241 17.86 70.10 -29.92
CA GLN B 241 16.65 70.89 -30.12
C GLN B 241 15.43 70.16 -29.59
N ILE B 242 15.40 68.83 -29.73
CA ILE B 242 14.28 68.03 -29.27
C ILE B 242 14.23 67.96 -27.74
N ALA B 243 15.38 67.65 -27.14
CA ALA B 243 15.48 67.51 -25.70
C ALA B 243 15.19 68.80 -24.95
N ARG B 244 14.51 68.68 -23.81
CA ARG B 244 14.20 69.83 -23.00
C ARG B 244 15.45 70.25 -22.22
N TYR B 245 16.26 69.27 -21.82
CA TYR B 245 17.45 69.55 -21.05
C TYR B 245 18.72 69.02 -21.68
N ALA B 246 19.85 69.34 -21.06
CA ALA B 246 21.15 68.90 -21.54
C ALA B 246 21.95 68.31 -20.39
N THR B 247 23.09 67.74 -20.72
CA THR B 247 23.97 67.15 -19.74
C THR B 247 25.36 67.06 -20.39
N ASP B 248 26.36 66.63 -19.63
CA ASP B 248 27.71 66.56 -20.18
C ASP B 248 27.83 65.49 -21.28
N ASP B 249 28.98 65.43 -21.95
CA ASP B 249 29.17 64.45 -23.02
C ASP B 249 29.45 63.06 -22.50
N ASN B 250 29.41 62.09 -23.40
CA ASN B 250 29.59 60.69 -23.04
C ASN B 250 30.95 60.34 -22.48
N ASN B 251 31.92 61.25 -22.59
CA ASN B 251 33.26 61.00 -22.08
C ASN B 251 33.41 61.61 -20.70
N HIS B 252 32.33 62.22 -20.21
CA HIS B 252 32.34 62.83 -18.90
C HIS B 252 31.11 62.42 -18.10
N GLU B 253 30.77 61.13 -18.19
CA GLU B 253 29.66 60.54 -17.47
C GLU B 253 28.37 61.37 -17.51
N GLY B 254 28.05 61.90 -18.68
CA GLY B 254 26.86 62.69 -18.85
C GLY B 254 25.60 61.99 -18.38
N ALA B 255 25.46 60.70 -18.71
CA ALA B 255 24.27 59.95 -18.31
C ALA B 255 24.19 59.79 -16.82
N LEU B 256 25.31 59.42 -16.20
CA LEU B 256 25.31 59.21 -14.76
C LEU B 256 25.00 60.51 -14.02
N ASN B 257 25.46 61.64 -14.55
CA ASN B 257 25.16 62.93 -13.92
C ASN B 257 23.65 63.14 -13.86
N VAL B 258 22.96 62.85 -14.96
CA VAL B 258 21.50 63.00 -14.98
C VAL B 258 20.91 62.10 -13.87
N ILE B 259 21.38 60.88 -13.79
CA ILE B 259 20.90 59.96 -12.76
C ILE B 259 21.14 60.60 -11.39
N GLN B 260 22.30 61.24 -11.23
CA GLN B 260 22.62 61.86 -9.94
C GLN B 260 21.64 63.00 -9.60
N ALA B 261 21.23 63.75 -10.62
CA ALA B 261 20.30 64.85 -10.38
C ALA B 261 18.96 64.28 -9.90
N VAL B 262 18.63 63.07 -10.35
CA VAL B 262 17.38 62.43 -9.93
C VAL B 262 17.47 62.04 -8.47
N LEU B 263 18.57 61.40 -8.10
CA LEU B 263 18.76 60.96 -6.73
C LEU B 263 18.79 62.10 -5.72
N ASP B 264 19.45 63.20 -6.07
CA ASP B 264 19.55 64.33 -5.15
C ASP B 264 18.41 65.32 -5.33
N ASN B 265 17.49 65.01 -6.24
CA ASN B 265 16.35 65.86 -6.51
C ASN B 265 16.80 67.30 -6.81
N THR B 266 17.76 67.47 -7.73
CA THR B 266 18.26 68.80 -8.10
C THR B 266 17.72 69.27 -9.46
N TYR B 267 17.92 70.58 -9.76
CA TYR B 267 17.30 71.08 -10.99
C TYR B 267 17.20 69.99 -12.08
N PRO B 268 15.96 69.91 -12.61
CA PRO B 268 14.62 69.73 -13.28
C PRO B 268 13.93 68.83 -12.25
N PHE B 269 14.64 68.08 -11.38
CA PHE B 269 13.98 67.20 -10.39
C PHE B 269 13.80 67.76 -8.97
N ASN B 270 13.50 69.03 -8.85
CA ASN B 270 13.30 69.63 -7.55
C ASN B 270 12.03 69.10 -6.84
N VAL C 3 -41.30 -33.12 64.41
CA VAL C 3 -41.93 -33.98 63.35
C VAL C 3 -41.39 -35.41 63.38
N LYS C 4 -42.26 -36.36 63.67
CA LYS C 4 -41.81 -37.76 63.70
C LYS C 4 -42.80 -38.68 62.99
N VAL C 5 -43.94 -38.12 62.60
CA VAL C 5 -44.96 -38.91 61.92
C VAL C 5 -45.61 -38.12 60.79
N ILE C 6 -45.54 -38.66 59.58
CA ILE C 6 -46.15 -38.03 58.41
C ILE C 6 -47.23 -38.99 57.95
N VAL C 7 -48.48 -38.53 57.99
CA VAL C 7 -49.62 -39.33 57.57
C VAL C 7 -50.25 -38.73 56.32
N THR C 8 -50.53 -39.58 55.34
CA THR C 8 -51.14 -39.07 54.13
C THR C 8 -52.37 -39.81 53.68
N ASP C 9 -53.14 -39.08 52.90
CA ASP C 9 -54.34 -39.55 52.31
C ASP C 9 -53.94 -40.10 50.95
N MET C 10 -54.76 -40.93 50.33
CA MET C 10 -54.43 -41.46 49.01
C MET C 10 -55.20 -40.80 47.85
N ASP C 11 -56.50 -41.07 47.78
CA ASP C 11 -57.33 -40.50 46.72
C ASP C 11 -57.37 -38.98 46.84
N GLY C 12 -57.11 -38.28 45.75
CA GLY C 12 -57.12 -36.83 45.82
C GLY C 12 -55.95 -36.26 46.59
N THR C 13 -55.09 -37.12 47.13
CA THR C 13 -53.94 -36.65 47.88
C THR C 13 -52.59 -37.21 47.38
N PHE C 14 -52.19 -38.37 47.90
CA PHE C 14 -50.91 -38.99 47.52
C PHE C 14 -50.92 -39.48 46.06
N LEU C 15 -52.11 -39.80 45.58
CA LEU C 15 -52.31 -40.29 44.22
C LEU C 15 -52.88 -39.19 43.33
N ASN C 16 -52.42 -39.11 42.08
CA ASN C 16 -52.97 -38.11 41.17
C ASN C 16 -54.27 -38.69 40.65
N ASP C 17 -54.91 -38.03 39.70
CA ASP C 17 -56.18 -38.54 39.19
C ASP C 17 -56.07 -39.92 38.52
N ALA C 18 -54.97 -40.16 37.81
CA ALA C 18 -54.76 -41.46 37.15
C ALA C 18 -54.34 -42.54 38.16
N LYS C 19 -54.43 -42.21 39.45
CA LYS C 19 -54.08 -43.12 40.54
C LYS C 19 -52.63 -43.60 40.62
N THR C 20 -51.68 -42.75 40.22
CA THR C 20 -50.27 -43.10 40.31
C THR C 20 -49.51 -42.01 41.08
N TYR C 21 -48.27 -42.29 41.44
CA TYR C 21 -47.47 -41.28 42.11
C TYR C 21 -46.05 -41.41 41.61
N ASN C 22 -45.25 -40.40 41.89
CA ASN C 22 -43.85 -40.35 41.48
C ASN C 22 -43.06 -41.28 42.41
N GLN C 23 -43.03 -42.56 42.07
CA GLN C 23 -42.35 -43.57 42.89
C GLN C 23 -40.88 -43.33 43.14
N PRO C 24 -40.10 -42.96 42.10
CA PRO C 24 -38.68 -42.74 42.38
C PRO C 24 -38.46 -41.61 43.40
N ARG C 25 -39.12 -40.48 43.18
CA ARG C 25 -38.97 -39.38 44.11
C ARG C 25 -39.37 -39.81 45.54
N PHE C 26 -40.59 -40.29 45.70
CA PHE C 26 -41.04 -40.73 47.01
C PHE C 26 -40.08 -41.69 47.67
N MET C 27 -39.54 -42.62 46.88
CA MET C 27 -38.61 -43.59 47.47
C MET C 27 -37.37 -42.95 48.04
N ALA C 28 -36.81 -41.96 47.35
CA ALA C 28 -35.62 -41.30 47.84
C ALA C 28 -35.99 -40.53 49.11
N GLN C 29 -37.21 -40.00 49.14
CA GLN C 29 -37.69 -39.25 50.31
C GLN C 29 -37.86 -40.18 51.50
N TYR C 30 -38.47 -41.34 51.26
CA TYR C 30 -38.70 -42.30 52.33
C TYR C 30 -37.41 -42.76 53.02
N GLN C 31 -36.40 -43.06 52.22
CA GLN C 31 -35.13 -43.51 52.78
C GLN C 31 -34.59 -42.45 53.72
N GLU C 32 -34.84 -41.20 53.37
CA GLU C 32 -34.38 -40.09 54.20
C GLU C 32 -35.16 -40.08 55.52
N LEU C 33 -36.49 -40.12 55.40
CA LEU C 33 -37.35 -40.11 56.57
C LEU C 33 -36.97 -41.25 57.52
N LYS C 34 -36.70 -42.42 56.94
CA LYS C 34 -36.32 -43.59 57.73
C LYS C 34 -35.07 -43.29 58.52
N LYS C 35 -34.08 -42.73 57.82
CA LYS C 35 -32.80 -42.37 58.41
C LYS C 35 -33.01 -41.42 59.59
N ARG C 36 -33.97 -40.51 59.45
CA ARG C 36 -34.26 -39.54 60.50
C ARG C 36 -35.21 -40.05 61.57
N GLY C 37 -35.67 -41.29 61.41
CA GLY C 37 -36.57 -41.88 62.37
C GLY C 37 -38.02 -41.47 62.19
N ILE C 38 -38.28 -40.60 61.23
CA ILE C 38 -39.62 -40.12 60.95
C ILE C 38 -40.42 -41.27 60.33
N LYS C 39 -41.61 -41.54 60.88
CA LYS C 39 -42.44 -42.62 60.39
C LYS C 39 -43.41 -42.17 59.31
N PHE C 40 -43.76 -43.07 58.41
CA PHE C 40 -44.70 -42.76 57.32
C PHE C 40 -45.96 -43.58 57.53
N VAL C 41 -47.12 -42.94 57.38
CA VAL C 41 -48.40 -43.61 57.56
C VAL C 41 -49.42 -43.28 56.47
N VAL C 42 -50.14 -44.29 56.02
CA VAL C 42 -51.18 -44.09 55.01
C VAL C 42 -52.52 -44.30 55.75
N ALA C 43 -53.35 -43.25 55.77
CA ALA C 43 -54.65 -43.29 56.43
C ALA C 43 -55.68 -43.15 55.34
N SER C 44 -56.39 -44.22 55.04
CA SER C 44 -57.36 -44.18 53.97
C SER C 44 -58.59 -45.03 54.21
N GLY C 45 -59.66 -44.68 53.51
CA GLY C 45 -60.88 -45.44 53.61
C GLY C 45 -60.75 -46.75 52.84
N ASN C 46 -59.77 -46.82 51.94
CA ASN C 46 -59.58 -48.02 51.14
C ASN C 46 -59.19 -49.26 51.95
N GLN C 47 -59.46 -50.42 51.35
CA GLN C 47 -59.14 -51.71 51.94
C GLN C 47 -57.63 -51.82 52.13
N TYR C 48 -57.23 -52.49 53.21
CA TYR C 48 -55.80 -52.67 53.49
C TYR C 48 -55.12 -53.33 52.29
N TYR C 49 -55.72 -54.39 51.76
CA TYR C 49 -55.14 -55.10 50.63
C TYR C 49 -55.05 -54.21 49.38
N GLN C 50 -55.90 -53.22 49.28
CA GLN C 50 -55.82 -52.33 48.13
C GLN C 50 -54.70 -51.33 48.32
N LEU C 51 -54.51 -50.87 49.56
CA LEU C 51 -53.49 -49.89 49.86
C LEU C 51 -52.06 -50.39 49.70
N ILE C 52 -51.80 -51.62 50.14
CA ILE C 52 -50.45 -52.16 50.03
C ILE C 52 -50.06 -52.40 48.57
N SER C 53 -51.06 -52.40 47.68
CA SER C 53 -50.77 -52.61 46.26
C SER C 53 -50.00 -51.39 45.74
N PHE C 54 -50.13 -50.27 46.46
CA PHE C 54 -49.45 -49.04 46.07
C PHE C 54 -48.05 -48.94 46.67
N PHE C 55 -47.72 -49.85 47.59
CA PHE C 55 -46.39 -49.82 48.20
C PHE C 55 -45.82 -51.24 48.29
N PRO C 56 -45.77 -51.94 47.14
CA PRO C 56 -45.27 -53.31 47.08
C PRO C 56 -43.91 -53.46 47.73
N GLU C 57 -43.06 -52.46 47.58
CA GLU C 57 -41.71 -52.53 48.12
C GLU C 57 -41.55 -51.97 49.53
N LEU C 58 -42.57 -51.33 50.09
CA LEU C 58 -42.43 -50.74 51.42
C LEU C 58 -43.47 -51.17 52.44
N LYS C 59 -44.44 -51.94 51.97
CA LYS C 59 -45.56 -52.44 52.74
C LYS C 59 -45.29 -52.83 54.21
N ASP C 60 -44.23 -53.58 54.45
CA ASP C 60 -43.91 -54.01 55.81
C ASP C 60 -43.16 -52.95 56.61
N GLU C 61 -42.75 -51.88 55.95
CA GLU C 61 -42.01 -50.84 56.64
C GLU C 61 -42.90 -49.68 57.09
N ILE C 62 -43.80 -49.22 56.23
CA ILE C 62 -44.68 -48.13 56.61
C ILE C 62 -45.86 -48.67 57.42
N SER C 63 -46.79 -47.78 57.80
CA SER C 63 -47.94 -48.22 58.60
C SER C 63 -49.25 -47.84 57.93
N PHE C 64 -50.28 -48.64 58.16
CA PHE C 64 -51.56 -48.36 57.55
C PHE C 64 -52.78 -48.24 58.45
N VAL C 65 -53.50 -47.16 58.22
CA VAL C 65 -54.78 -46.95 58.87
C VAL C 65 -55.81 -47.16 57.79
N ALA C 66 -56.18 -48.42 57.55
CA ALA C 66 -57.10 -48.79 56.49
C ALA C 66 -58.57 -48.78 56.91
N GLU C 67 -59.45 -48.91 55.91
CA GLU C 67 -60.89 -48.92 56.13
C GLU C 67 -61.30 -47.74 57.04
N ASN C 68 -60.82 -46.53 56.73
CA ASN C 68 -61.14 -45.35 57.52
C ASN C 68 -60.74 -45.45 58.99
N GLY C 69 -59.97 -46.49 59.33
CA GLY C 69 -59.55 -46.65 60.71
C GLY C 69 -60.06 -47.96 61.28
N ALA C 70 -60.83 -48.70 60.50
CA ALA C 70 -61.36 -49.97 61.00
C ALA C 70 -60.33 -51.10 61.02
N LEU C 71 -59.18 -50.88 60.37
CA LEU C 71 -58.14 -51.90 60.33
C LEU C 71 -56.79 -51.20 60.34
N VAL C 72 -56.02 -51.44 61.40
CA VAL C 72 -54.72 -50.81 61.55
C VAL C 72 -53.56 -51.78 61.59
N TYR C 73 -52.54 -51.49 60.80
CA TYR C 73 -51.35 -52.32 60.74
C TYR C 73 -50.23 -51.42 61.10
N GLU C 74 -49.28 -51.91 61.94
CA GLU C 74 -48.03 -51.15 62.31
C GLU C 74 -46.80 -51.91 61.81
N HIS C 75 -46.04 -51.32 60.89
CA HIS C 75 -44.83 -51.94 60.36
C HIS C 75 -44.98 -53.44 60.09
N GLY C 76 -45.99 -53.79 59.30
CA GLY C 76 -46.20 -55.18 58.94
C GLY C 76 -47.01 -56.07 59.87
N LYS C 77 -47.39 -55.57 61.04
CA LYS C 77 -48.16 -56.40 61.95
C LYS C 77 -49.51 -55.76 62.29
N GLN C 78 -50.58 -56.54 62.10
CA GLN C 78 -51.93 -56.07 62.40
C GLN C 78 -52.00 -55.64 63.86
N LEU C 79 -52.48 -54.43 64.08
CA LEU C 79 -52.56 -53.87 65.43
C LEU C 79 -53.97 -53.84 66.02
N PHE C 80 -54.96 -53.54 65.20
CA PHE C 80 -56.35 -53.45 65.64
C PHE C 80 -57.31 -53.49 64.45
N HIS C 81 -58.47 -54.09 64.69
CA HIS C 81 -59.49 -54.14 63.66
C HIS C 81 -60.84 -53.95 64.35
N GLY C 82 -61.72 -53.20 63.73
CA GLY C 82 -63.02 -52.98 64.32
C GLY C 82 -63.85 -54.23 64.15
N GLU C 83 -65.02 -54.27 64.77
CA GLU C 83 -65.88 -55.42 64.62
C GLU C 83 -67.32 -55.14 64.94
N LEU C 84 -68.18 -55.43 63.99
CA LEU C 84 -69.59 -55.28 64.21
C LEU C 84 -70.03 -56.63 64.70
N THR C 85 -71.01 -56.56 65.59
CA THR C 85 -71.59 -57.70 66.21
C THR C 85 -72.52 -58.34 65.16
N ARG C 86 -72.72 -59.65 65.22
CA ARG C 86 -73.61 -60.29 64.24
C ARG C 86 -74.94 -59.56 64.26
N HIS C 87 -75.38 -59.20 65.45
CA HIS C 87 -76.63 -58.48 65.64
C HIS C 87 -76.64 -57.16 64.87
N GLU C 88 -75.60 -56.35 65.08
CA GLU C 88 -75.49 -55.06 64.40
C GLU C 88 -75.38 -55.26 62.88
N SER C 89 -74.57 -56.22 62.47
CA SER C 89 -74.37 -56.50 61.04
C SER C 89 -75.69 -56.82 60.33
N ARG C 90 -76.51 -57.67 60.93
CA ARG C 90 -77.77 -58.05 60.31
C ARG C 90 -78.69 -56.85 60.15
N ILE C 91 -78.68 -55.95 61.14
CA ILE C 91 -79.52 -54.78 61.07
C ILE C 91 -79.09 -53.86 59.93
N VAL C 92 -77.81 -53.53 59.86
CA VAL C 92 -77.33 -52.63 58.80
C VAL C 92 -77.65 -53.20 57.44
N ILE C 93 -77.29 -54.46 57.24
CA ILE C 93 -77.52 -55.14 55.97
C ILE C 93 -79.01 -55.13 55.68
N GLY C 94 -79.80 -55.58 56.66
CA GLY C 94 -81.24 -55.61 56.49
C GLY C 94 -81.78 -54.25 56.13
N GLU C 95 -81.23 -53.21 56.76
CA GLU C 95 -81.69 -51.86 56.47
C GLU C 95 -81.29 -51.41 55.06
N LEU C 96 -80.09 -51.76 54.62
CA LEU C 96 -79.64 -51.37 53.30
C LEU C 96 -80.42 -52.12 52.22
N LEU C 97 -80.74 -53.38 52.50
CA LEU C 97 -81.48 -54.23 51.58
C LEU C 97 -82.92 -53.79 51.33
N LYS C 98 -83.46 -52.92 52.19
CA LYS C 98 -84.82 -52.43 52.02
C LYS C 98 -84.89 -51.67 50.70
N ASP C 99 -83.82 -50.95 50.39
CA ASP C 99 -83.74 -50.18 49.16
C ASP C 99 -83.10 -51.07 48.10
N LYS C 100 -83.94 -51.81 47.38
CA LYS C 100 -83.51 -52.73 46.35
C LYS C 100 -82.79 -52.09 45.17
N GLN C 101 -82.73 -50.76 45.14
CA GLN C 101 -82.08 -50.06 44.05
C GLN C 101 -80.69 -49.57 44.44
N LEU C 102 -80.37 -49.72 45.72
CA LEU C 102 -79.09 -49.27 46.24
C LEU C 102 -78.04 -50.40 46.20
N ASN C 103 -76.84 -50.07 45.77
CA ASN C 103 -75.76 -51.04 45.70
C ASN C 103 -74.69 -50.72 46.75
N PHE C 104 -74.19 -51.76 47.41
CA PHE C 104 -73.19 -51.58 48.45
C PHE C 104 -72.29 -52.79 48.61
N VAL C 105 -71.17 -52.55 49.29
CA VAL C 105 -70.21 -53.60 49.58
C VAL C 105 -70.07 -53.75 51.10
N ALA C 106 -69.92 -54.98 51.55
CA ALA C 106 -69.74 -55.28 52.97
C ALA C 106 -68.24 -55.46 53.14
N CYS C 107 -67.64 -54.62 53.98
CA CYS C 107 -66.20 -54.64 54.21
C CYS C 107 -65.81 -55.49 55.42
N GLY C 108 -65.06 -56.56 55.16
CA GLY C 108 -64.63 -57.45 56.21
C GLY C 108 -63.15 -57.49 56.47
N LEU C 109 -62.75 -58.28 57.46
CA LEU C 109 -61.36 -58.41 57.84
C LEU C 109 -60.57 -59.20 56.79
N GLN C 110 -61.13 -60.32 56.35
CA GLN C 110 -60.44 -61.14 55.35
C GLN C 110 -60.71 -60.70 53.92
N SER C 111 -61.85 -60.06 53.69
CA SER C 111 -62.22 -59.61 52.35
C SER C 111 -63.43 -58.71 52.37
N ALA C 112 -63.73 -58.12 51.23
CA ALA C 112 -64.90 -57.25 51.09
C ALA C 112 -65.88 -58.10 50.32
N TYR C 113 -67.16 -57.72 50.32
CA TYR C 113 -68.17 -58.53 49.62
C TYR C 113 -69.20 -57.69 48.89
N VAL C 114 -69.68 -58.24 47.77
CA VAL C 114 -70.68 -57.56 46.97
C VAL C 114 -71.64 -58.58 46.39
N SER C 115 -72.90 -58.19 46.20
CA SER C 115 -73.90 -59.10 45.64
C SER C 115 -73.46 -59.60 44.26
N GLU C 116 -73.65 -60.89 44.01
CA GLU C 116 -73.29 -61.46 42.72
C GLU C 116 -74.18 -60.88 41.62
N ASN C 117 -75.21 -60.16 42.03
CA ASN C 117 -76.14 -59.56 41.10
C ASN C 117 -75.88 -58.08 40.93
N ALA C 118 -74.79 -57.59 41.51
CA ALA C 118 -74.44 -56.19 41.42
C ALA C 118 -74.05 -55.83 39.98
N PRO C 119 -74.40 -54.62 39.55
CA PRO C 119 -74.06 -54.17 38.19
C PRO C 119 -72.57 -54.34 37.88
N GLU C 120 -72.27 -54.78 36.67
CA GLU C 120 -70.88 -55.00 36.26
C GLU C 120 -70.01 -53.77 36.49
N ALA C 121 -70.58 -52.58 36.29
CA ALA C 121 -69.87 -51.33 36.46
C ALA C 121 -69.51 -51.04 37.92
N PHE C 122 -70.45 -51.32 38.81
CA PHE C 122 -70.28 -51.11 40.25
C PHE C 122 -69.14 -51.96 40.79
N VAL C 123 -69.10 -53.22 40.40
CA VAL C 123 -68.05 -54.12 40.86
C VAL C 123 -66.68 -53.66 40.38
N ALA C 124 -66.60 -53.23 39.12
CA ALA C 124 -65.33 -52.76 38.54
C ALA C 124 -64.85 -51.50 39.27
N LEU C 125 -65.80 -50.67 39.66
CA LEU C 125 -65.51 -49.44 40.40
C LEU C 125 -65.00 -49.80 41.79
N MET C 126 -65.77 -50.61 42.51
CA MET C 126 -65.40 -51.02 43.85
C MET C 126 -64.12 -51.87 43.84
N ALA C 127 -63.89 -52.54 42.72
CA ALA C 127 -62.71 -53.38 42.56
C ALA C 127 -61.44 -52.52 42.65
N LYS C 128 -61.60 -51.22 42.41
CA LYS C 128 -60.48 -50.29 42.47
C LYS C 128 -60.17 -49.84 43.89
N HIS C 129 -61.07 -50.14 44.81
CA HIS C 129 -60.87 -49.74 46.20
C HIS C 129 -60.77 -50.92 47.17
N TYR C 130 -61.13 -52.10 46.68
CA TYR C 130 -61.04 -53.33 47.46
C TYR C 130 -60.52 -54.39 46.51
N HIS C 131 -59.24 -54.74 46.64
CA HIS C 131 -58.65 -55.75 45.77
C HIS C 131 -59.11 -57.14 46.15
N ARG C 132 -59.76 -57.25 47.30
CA ARG C 132 -60.32 -58.52 47.75
C ARG C 132 -61.82 -58.30 47.82
N LEU C 133 -62.47 -58.58 46.69
CA LEU C 133 -63.92 -58.38 46.54
C LEU C 133 -64.57 -59.66 46.02
N LYS C 134 -65.27 -60.35 46.91
CA LYS C 134 -65.92 -61.61 46.60
C LYS C 134 -67.43 -61.53 46.44
N PRO C 135 -67.95 -61.95 45.28
CA PRO C 135 -69.39 -61.93 44.99
C PRO C 135 -70.07 -62.89 45.96
N VAL C 136 -71.22 -62.49 46.49
CA VAL C 136 -71.94 -63.37 47.41
C VAL C 136 -73.41 -63.45 47.04
N LYS C 137 -74.07 -64.51 47.50
CA LYS C 137 -75.48 -64.70 47.22
C LYS C 137 -76.31 -63.95 48.26
N ASP C 138 -75.95 -64.11 49.52
CA ASP C 138 -76.65 -63.44 50.61
C ASP C 138 -75.70 -62.76 51.59
N TYR C 139 -75.78 -61.43 51.65
CA TYR C 139 -74.95 -60.64 52.54
C TYR C 139 -75.03 -61.08 54.00
N GLN C 140 -76.14 -61.69 54.38
CA GLN C 140 -76.37 -62.15 55.74
C GLN C 140 -75.70 -63.47 56.04
N GLU C 141 -75.06 -64.04 55.02
CA GLU C 141 -74.39 -65.33 55.18
C GLU C 141 -72.88 -65.22 55.14
N ILE C 142 -72.36 -64.00 55.10
CA ILE C 142 -70.92 -63.79 55.06
C ILE C 142 -70.27 -64.32 56.33
N ASP C 143 -69.26 -65.17 56.16
CA ASP C 143 -68.54 -65.75 57.29
C ASP C 143 -67.20 -65.04 57.41
N ASP C 144 -67.21 -63.91 58.11
CA ASP C 144 -66.01 -63.10 58.30
C ASP C 144 -66.42 -61.95 59.22
N VAL C 145 -65.46 -61.26 59.78
CA VAL C 145 -65.76 -60.12 60.62
C VAL C 145 -66.03 -58.92 59.72
N LEU C 146 -67.16 -58.25 59.92
CA LEU C 146 -67.48 -57.05 59.13
C LEU C 146 -67.29 -55.81 59.99
N PHE C 147 -66.84 -54.72 59.38
CA PHE C 147 -66.62 -53.49 60.12
C PHE C 147 -66.84 -52.21 59.32
N LYS C 148 -67.37 -52.34 58.13
CA LYS C 148 -67.61 -51.15 57.31
C LYS C 148 -68.45 -51.48 56.09
N PHE C 149 -69.02 -50.44 55.50
CA PHE C 149 -69.84 -50.57 54.31
C PHE C 149 -69.59 -49.35 53.42
N SER C 150 -69.80 -49.50 52.11
CA SER C 150 -69.63 -48.42 51.14
C SER C 150 -70.77 -48.47 50.11
N LEU C 151 -71.33 -47.29 49.77
CA LEU C 151 -72.46 -47.23 48.86
C LEU C 151 -72.23 -46.53 47.52
N ASN C 152 -73.20 -46.56 46.60
CA ASN C 152 -73.11 -46.03 45.23
C ASN C 152 -73.47 -44.57 44.97
N LEU C 153 -74.57 -44.19 45.57
CA LEU C 153 -75.31 -42.95 45.40
C LEU C 153 -74.58 -41.80 44.81
N PRO C 154 -75.26 -41.23 43.80
CA PRO C 154 -74.81 -40.07 43.05
C PRO C 154 -74.54 -38.97 44.00
N ASP C 155 -73.58 -38.14 43.66
CA ASP C 155 -73.26 -36.99 44.53
C ASP C 155 -74.39 -36.00 44.76
N GLU C 156 -75.55 -36.23 44.17
CA GLU C 156 -76.67 -35.34 44.37
C GLU C 156 -77.61 -35.97 45.41
N GLN C 157 -77.71 -37.29 45.42
CA GLN C 157 -78.63 -37.89 46.37
C GLN C 157 -77.99 -38.24 47.74
N ILE C 158 -76.68 -38.07 47.80
CA ILE C 158 -75.81 -38.33 48.96
C ILE C 158 -76.33 -37.62 50.20
N PRO C 159 -76.65 -36.33 50.12
CA PRO C 159 -77.12 -35.74 51.37
C PRO C 159 -78.26 -36.54 52.02
N LEU C 160 -79.43 -36.45 51.41
CA LEU C 160 -80.64 -37.10 51.88
C LEU C 160 -80.46 -38.59 52.18
N VAL C 161 -79.46 -39.22 51.56
CA VAL C 161 -79.22 -40.63 51.83
C VAL C 161 -78.26 -40.72 52.99
N ILE C 162 -77.91 -39.56 53.52
CA ILE C 162 -77.02 -39.48 54.63
C ILE C 162 -77.88 -39.26 55.87
N ASP C 163 -79.12 -38.83 55.65
CA ASP C 163 -80.06 -38.59 56.74
C ASP C 163 -81.04 -39.72 56.92
N LYS C 164 -81.36 -40.40 55.82
CA LYS C 164 -82.27 -41.52 55.92
C LYS C 164 -81.45 -42.61 56.60
N LEU C 165 -80.20 -42.78 56.18
CA LEU C 165 -79.37 -43.78 56.81
C LEU C 165 -78.96 -43.40 58.23
N HIS C 166 -78.83 -42.10 58.50
CA HIS C 166 -78.45 -41.70 59.86
C HIS C 166 -79.51 -42.13 60.87
N VAL C 167 -80.78 -42.11 60.48
CA VAL C 167 -81.84 -42.50 61.40
C VAL C 167 -81.92 -43.99 61.67
N ALA C 168 -81.87 -44.76 60.58
CA ALA C 168 -81.97 -46.21 60.66
C ALA C 168 -80.78 -46.83 61.37
N LEU C 169 -79.60 -46.26 61.11
CA LEU C 169 -78.36 -46.77 61.68
C LEU C 169 -77.81 -46.02 62.87
N ASP C 170 -78.59 -45.09 63.39
CA ASP C 170 -78.17 -44.30 64.54
C ASP C 170 -77.82 -45.25 65.68
N GLY C 171 -76.65 -45.09 66.28
CA GLY C 171 -76.28 -45.96 67.37
C GLY C 171 -75.61 -47.25 66.95
N ILE C 172 -75.41 -47.45 65.65
CA ILE C 172 -74.74 -48.65 65.17
C ILE C 172 -73.63 -48.21 64.22
N MET C 173 -74.00 -47.40 63.23
CA MET C 173 -73.03 -46.91 62.26
C MET C 173 -73.36 -45.51 61.78
N LYS C 174 -72.31 -44.75 61.46
CA LYS C 174 -72.46 -43.38 61.04
C LYS C 174 -72.04 -43.16 59.59
N PRO C 175 -72.90 -42.53 58.79
CA PRO C 175 -72.62 -42.26 57.38
C PRO C 175 -71.47 -41.23 57.22
N VAL C 176 -70.51 -41.53 56.34
CA VAL C 176 -69.38 -40.62 56.08
C VAL C 176 -69.18 -40.54 54.54
N THR C 177 -68.42 -39.55 54.06
CA THR C 177 -68.24 -39.32 52.62
C THR C 177 -66.80 -39.41 52.06
N SER C 178 -66.49 -40.44 51.28
CA SER C 178 -65.11 -40.54 50.78
C SER C 178 -64.73 -39.43 49.81
N GLY C 179 -65.67 -39.03 48.96
CA GLY C 179 -65.43 -37.91 48.07
C GLY C 179 -65.93 -38.04 46.64
N PHE C 180 -66.14 -39.26 46.11
CA PHE C 180 -66.52 -39.41 44.70
C PHE C 180 -67.90 -39.91 44.45
N GLY C 181 -68.76 -39.69 45.43
CA GLY C 181 -70.08 -40.21 45.37
C GLY C 181 -70.02 -41.40 46.29
N PHE C 182 -68.89 -41.55 46.99
CA PHE C 182 -68.81 -42.67 47.91
C PHE C 182 -69.38 -42.29 49.25
N ILE C 183 -70.14 -43.23 49.80
CA ILE C 183 -70.73 -43.06 51.11
C ILE C 183 -70.31 -44.26 51.94
N ASP C 184 -69.52 -44.00 52.97
CA ASP C 184 -69.05 -45.04 53.87
C ASP C 184 -69.82 -45.04 55.19
N LEU C 185 -70.20 -46.23 55.64
CA LEU C 185 -70.89 -46.40 56.91
C LEU C 185 -69.86 -46.99 57.86
N ILE C 186 -69.43 -46.20 58.84
CA ILE C 186 -68.42 -46.64 59.78
C ILE C 186 -68.94 -46.74 61.20
N ILE C 187 -68.24 -47.53 62.03
CA ILE C 187 -68.60 -47.66 63.44
C ILE C 187 -68.21 -46.32 64.07
N PRO C 188 -69.11 -45.68 64.83
CA PRO C 188 -68.84 -44.39 65.47
C PRO C 188 -67.48 -44.31 66.15
N GLY C 189 -66.72 -43.26 65.82
CA GLY C 189 -65.42 -43.08 66.43
C GLY C 189 -64.29 -43.84 65.77
N LEU C 190 -64.62 -44.72 64.83
CA LEU C 190 -63.59 -45.48 64.12
C LEU C 190 -63.11 -44.77 62.87
N HIS C 191 -62.77 -43.49 63.02
CA HIS C 191 -62.29 -42.68 61.91
C HIS C 191 -60.76 -42.63 61.86
N LYS C 192 -60.23 -41.99 60.83
CA LYS C 192 -58.78 -41.92 60.65
C LYS C 192 -58.04 -41.41 61.88
N ALA C 193 -58.53 -40.32 62.47
CA ALA C 193 -57.90 -39.74 63.64
C ALA C 193 -57.76 -40.80 64.72
N ASN C 194 -58.81 -41.59 64.92
CA ASN C 194 -58.75 -42.65 65.94
C ASN C 194 -57.64 -43.63 65.57
N GLY C 195 -57.65 -44.12 64.33
CA GLY C 195 -56.62 -45.05 63.92
C GLY C 195 -55.24 -44.47 64.17
N ILE C 196 -55.03 -43.24 63.73
CA ILE C 196 -53.73 -42.60 63.91
C ILE C 196 -53.34 -42.57 65.39
N SER C 197 -54.32 -42.32 66.26
CA SER C 197 -54.05 -42.25 67.71
C SER C 197 -53.47 -43.53 68.27
N ARG C 198 -53.99 -44.67 67.84
CA ARG C 198 -53.49 -45.95 68.32
C ARG C 198 -52.01 -46.03 68.02
N LEU C 199 -51.62 -45.62 66.82
CA LEU C 199 -50.22 -45.64 66.43
C LEU C 199 -49.40 -44.74 67.33
N LEU C 200 -49.88 -43.52 67.53
CA LEU C 200 -49.17 -42.54 68.36
C LEU C 200 -48.95 -43.09 69.79
N LYS C 201 -49.96 -43.80 70.30
CA LYS C 201 -49.88 -44.38 71.62
C LYS C 201 -48.73 -45.39 71.62
N ARG C 202 -48.79 -46.35 70.71
CA ARG C 202 -47.75 -47.37 70.58
C ARG C 202 -46.37 -46.76 70.42
N TRP C 203 -46.32 -45.56 69.85
CA TRP C 203 -45.06 -44.88 69.60
C TRP C 203 -44.69 -43.83 70.65
N ASP C 204 -45.52 -43.65 71.66
CA ASP C 204 -45.26 -42.65 72.68
C ASP C 204 -45.08 -41.29 72.04
N LEU C 205 -45.92 -40.98 71.04
CA LEU C 205 -45.84 -39.69 70.35
C LEU C 205 -47.17 -38.98 70.53
N SER C 206 -47.19 -37.68 70.26
CA SER C 206 -48.41 -36.91 70.40
C SER C 206 -48.73 -36.13 69.13
N PRO C 207 -49.97 -35.63 69.01
CA PRO C 207 -50.42 -34.85 67.87
C PRO C 207 -49.47 -33.74 67.45
N GLN C 208 -48.64 -33.27 68.37
CA GLN C 208 -47.71 -32.20 68.06
C GLN C 208 -46.52 -32.66 67.19
N ASN C 209 -46.39 -33.97 67.03
CA ASN C 209 -45.30 -34.53 66.21
C ASN C 209 -45.86 -34.99 64.86
N VAL C 210 -47.17 -34.86 64.69
CA VAL C 210 -47.83 -35.31 63.48
C VAL C 210 -48.05 -34.32 62.33
N VAL C 211 -47.78 -34.82 61.13
CA VAL C 211 -48.00 -34.08 59.89
C VAL C 211 -49.07 -34.91 59.16
N ALA C 212 -50.19 -34.29 58.86
CA ALA C 212 -51.28 -34.96 58.17
C ALA C 212 -51.60 -34.23 56.86
N ILE C 213 -51.93 -34.99 55.82
CA ILE C 213 -52.26 -34.44 54.50
C ILE C 213 -53.55 -35.08 54.01
N GLY C 214 -54.50 -34.25 53.59
CA GLY C 214 -55.78 -34.76 53.12
C GLY C 214 -56.45 -33.92 52.03
N ASP C 215 -57.61 -34.38 51.56
CA ASP C 215 -58.31 -33.68 50.50
C ASP C 215 -59.80 -33.54 50.74
N SER C 216 -60.41 -34.47 51.48
CA SER C 216 -61.85 -34.34 51.71
C SER C 216 -62.44 -34.75 53.06
N GLY C 217 -63.76 -34.92 53.06
CA GLY C 217 -64.51 -35.29 54.24
C GLY C 217 -63.89 -36.18 55.31
N ASN C 218 -63.65 -37.45 54.96
CA ASN C 218 -63.08 -38.41 55.91
C ASN C 218 -61.68 -38.06 56.40
N ASP C 219 -61.24 -36.83 56.12
CA ASP C 219 -59.94 -36.34 56.57
C ASP C 219 -60.15 -35.22 57.59
N ALA C 220 -61.42 -34.96 57.92
CA ALA C 220 -61.78 -33.90 58.86
C ALA C 220 -61.05 -34.02 60.21
N GLU C 221 -61.41 -35.05 60.98
CA GLU C 221 -60.79 -35.23 62.29
C GLU C 221 -59.27 -35.46 62.24
N MET C 222 -58.78 -36.08 61.18
CA MET C 222 -57.35 -36.32 61.06
C MET C 222 -56.64 -34.98 60.97
N LEU C 223 -57.14 -34.12 60.07
CA LEU C 223 -56.55 -32.80 59.85
C LEU C 223 -56.68 -31.87 61.06
N LYS C 224 -57.75 -32.03 61.82
CA LYS C 224 -57.94 -31.18 63.00
C LYS C 224 -56.95 -31.59 64.09
N MET C 225 -56.82 -32.91 64.27
CA MET C 225 -55.93 -33.47 65.29
C MET C 225 -54.45 -33.17 65.07
N ALA C 226 -53.99 -33.24 63.83
CA ALA C 226 -52.59 -33.01 63.52
C ALA C 226 -52.12 -31.56 63.70
N ARG C 227 -50.92 -31.41 64.25
CA ARG C 227 -50.31 -30.10 64.47
C ARG C 227 -49.96 -29.45 63.14
N TYR C 228 -49.42 -30.25 62.22
CA TYR C 228 -49.04 -29.76 60.91
C TYR C 228 -49.96 -30.38 59.88
N SER C 229 -51.14 -29.78 59.73
CA SER C 229 -52.15 -30.23 58.79
C SER C 229 -52.06 -29.51 57.44
N PHE C 230 -52.31 -30.26 56.38
CA PHE C 230 -52.24 -29.71 55.04
C PHE C 230 -53.43 -30.12 54.21
N ALA C 231 -53.92 -29.19 53.42
CA ALA C 231 -55.04 -29.45 52.52
C ALA C 231 -54.46 -29.39 51.13
N MET C 232 -54.77 -30.40 50.33
CA MET C 232 -54.29 -30.46 48.95
C MET C 232 -54.94 -29.31 48.18
N GLY C 233 -54.21 -28.73 47.23
CA GLY C 233 -54.78 -27.63 46.45
C GLY C 233 -56.15 -27.96 45.91
N ASN C 234 -56.34 -29.21 45.52
CA ASN C 234 -57.61 -29.67 44.97
C ASN C 234 -58.66 -29.96 46.04
N ALA C 235 -58.31 -29.73 47.30
CA ALA C 235 -59.24 -30.00 48.38
C ALA C 235 -60.45 -29.06 48.38
N ALA C 236 -61.53 -29.49 49.02
CA ALA C 236 -62.75 -28.69 49.10
C ALA C 236 -62.51 -27.44 49.95
N GLU C 237 -63.58 -26.71 50.23
CA GLU C 237 -63.47 -25.50 51.03
C GLU C 237 -63.48 -25.83 52.52
N ASN C 238 -64.51 -26.54 52.97
CA ASN C 238 -64.61 -26.91 54.36
C ASN C 238 -63.37 -27.67 54.84
N ILE C 239 -62.57 -28.16 53.91
CA ILE C 239 -61.34 -28.88 54.26
C ILE C 239 -60.18 -27.90 54.32
N LYS C 240 -60.12 -26.96 53.39
CA LYS C 240 -59.03 -25.98 53.38
C LYS C 240 -59.11 -25.09 54.62
N GLN C 241 -60.27 -25.10 55.27
CA GLN C 241 -60.49 -24.33 56.48
C GLN C 241 -59.96 -25.12 57.68
N ILE C 242 -60.52 -26.30 57.90
CA ILE C 242 -60.09 -27.16 58.99
C ILE C 242 -58.56 -27.20 59.02
N ALA C 243 -57.97 -27.53 57.87
CA ALA C 243 -56.51 -27.60 57.76
C ALA C 243 -55.87 -26.27 58.07
N ARG C 244 -54.63 -26.30 58.55
CA ARG C 244 -53.90 -25.08 58.88
C ARG C 244 -53.06 -24.62 57.71
N TYR C 245 -52.41 -25.56 57.03
CA TYR C 245 -51.55 -25.22 55.89
C TYR C 245 -52.07 -25.78 54.56
N ALA C 246 -51.42 -25.39 53.47
CA ALA C 246 -51.81 -25.85 52.14
C ALA C 246 -50.61 -26.26 51.29
N THR C 247 -50.88 -27.03 50.25
CA THR C 247 -49.85 -27.50 49.33
C THR C 247 -50.53 -27.65 47.97
N ASP C 248 -49.74 -27.86 46.92
CA ASP C 248 -50.29 -28.01 45.57
C ASP C 248 -51.28 -29.17 45.47
N ASP C 249 -51.97 -29.28 44.33
CA ASP C 249 -52.95 -30.34 44.14
C ASP C 249 -52.33 -31.73 43.96
N ASN C 250 -53.18 -32.75 43.95
CA ASN C 250 -52.70 -34.12 43.83
C ASN C 250 -52.10 -34.44 42.46
N ASN C 251 -52.35 -33.60 41.46
CA ASN C 251 -51.79 -33.84 40.14
C ASN C 251 -50.42 -33.21 40.00
N HIS C 252 -49.92 -32.62 41.09
CA HIS C 252 -48.61 -31.99 41.06
C HIS C 252 -47.76 -32.33 42.27
N GLU C 253 -47.86 -33.57 42.73
CA GLU C 253 -47.06 -34.03 43.86
C GLU C 253 -47.26 -33.20 45.13
N GLY C 254 -48.48 -32.79 45.41
CA GLY C 254 -48.73 -32.00 46.60
C GLY C 254 -48.22 -32.68 47.85
N ALA C 255 -48.63 -33.92 48.05
CA ALA C 255 -48.20 -34.69 49.22
C ALA C 255 -46.67 -34.74 49.29
N LEU C 256 -46.04 -35.11 48.18
CA LEU C 256 -44.59 -35.21 48.13
C LEU C 256 -43.90 -33.90 48.46
N ASN C 257 -44.48 -32.77 48.06
CA ASN C 257 -43.87 -31.48 48.37
C ASN C 257 -43.89 -31.27 49.89
N VAL C 258 -44.98 -31.66 50.53
CA VAL C 258 -45.06 -31.53 51.99
C VAL C 258 -43.90 -32.32 52.59
N ILE C 259 -43.72 -33.56 52.14
CA ILE C 259 -42.63 -34.39 52.65
C ILE C 259 -41.28 -33.71 52.42
N GLN C 260 -41.11 -33.11 51.24
CA GLN C 260 -39.85 -32.43 50.95
C GLN C 260 -39.65 -31.29 51.95
N ALA C 261 -40.74 -30.58 52.26
CA ALA C 261 -40.68 -29.47 53.22
C ALA C 261 -40.18 -29.97 54.57
N VAL C 262 -40.68 -31.13 55.00
CA VAL C 262 -40.25 -31.71 56.27
C VAL C 262 -38.78 -32.07 56.20
N LEU C 263 -38.34 -32.63 55.07
CA LEU C 263 -36.95 -33.03 54.90
C LEU C 263 -35.96 -31.86 54.87
N ASP C 264 -36.36 -30.76 54.22
CA ASP C 264 -35.48 -29.61 54.13
C ASP C 264 -35.68 -28.62 55.25
N ASN C 265 -36.63 -28.91 56.11
CA ASN C 265 -36.93 -28.02 57.23
C ASN C 265 -37.36 -26.65 56.73
N THR C 266 -38.08 -26.61 55.61
CA THR C 266 -38.53 -25.33 55.08
C THR C 266 -39.92 -25.00 55.61
N TYR C 267 -40.52 -23.88 55.26
CA TYR C 267 -41.83 -23.55 55.88
C TYR C 267 -42.99 -24.71 56.03
N PRO C 268 -43.73 -24.86 57.08
CA PRO C 268 -44.28 -24.62 58.43
C PRO C 268 -43.25 -25.12 59.49
N PHE C 269 -42.26 -25.90 59.03
CA PHE C 269 -41.23 -26.44 59.93
C PHE C 269 -39.82 -25.80 59.82
N ASN C 270 -39.58 -24.54 60.19
CA ASN C 270 -38.21 -24.02 60.10
C ASN C 270 -37.94 -23.03 61.23
N VAL D 3 61.58 42.12 -51.94
CA VAL D 3 61.67 40.63 -51.82
C VAL D 3 62.89 40.19 -51.02
N LYS D 4 62.67 39.29 -50.06
CA LYS D 4 63.75 38.79 -49.23
C LYS D 4 63.82 37.27 -49.19
N VAL D 5 62.76 36.62 -49.68
CA VAL D 5 62.73 35.16 -49.71
C VAL D 5 62.00 34.61 -50.94
N ILE D 6 62.60 33.61 -51.57
CA ILE D 6 62.00 32.96 -52.73
C ILE D 6 61.76 31.50 -52.33
N VAL D 7 60.50 31.09 -52.38
CA VAL D 7 60.11 29.73 -52.02
C VAL D 7 59.51 29.02 -53.23
N THR D 8 59.95 27.80 -53.49
CA THR D 8 59.40 27.09 -54.63
C THR D 8 59.05 25.66 -54.36
N ASP D 9 58.06 25.22 -55.11
CA ASP D 9 57.56 23.89 -55.10
C ASP D 9 58.51 23.08 -56.01
N MET D 10 58.55 21.76 -55.89
CA MET D 10 59.41 20.95 -56.76
C MET D 10 58.62 20.33 -57.93
N ASP D 11 57.79 19.33 -57.64
CA ASP D 11 56.99 18.67 -58.67
C ASP D 11 56.00 19.62 -59.34
N GLY D 12 56.02 19.62 -60.67
CA GLY D 12 55.10 20.48 -61.39
C GLY D 12 55.47 21.95 -61.38
N THR D 13 56.53 22.35 -60.69
CA THR D 13 56.90 23.76 -60.74
C THR D 13 58.38 23.99 -61.01
N PHE D 14 59.27 23.80 -60.02
CA PHE D 14 60.69 24.01 -60.27
C PHE D 14 61.24 22.94 -61.24
N LEU D 15 60.62 21.76 -61.21
CA LEU D 15 61.03 20.65 -62.08
C LEU D 15 60.08 20.49 -63.26
N ASN D 16 60.64 20.16 -64.43
CA ASN D 16 59.82 19.94 -65.62
C ASN D 16 59.26 18.52 -65.53
N ASP D 17 58.59 18.07 -66.58
CA ASP D 17 58.01 16.73 -66.54
C ASP D 17 59.06 15.64 -66.50
N ALA D 18 60.26 15.96 -66.99
CA ALA D 18 61.37 15.01 -67.02
C ALA D 18 62.08 14.96 -65.67
N LYS D 19 61.63 15.79 -64.73
CA LYS D 19 62.23 15.84 -63.40
C LYS D 19 63.62 16.48 -63.34
N THR D 20 63.90 17.39 -64.27
CA THR D 20 65.20 18.06 -64.25
C THR D 20 64.94 19.55 -64.42
N TYR D 21 65.97 20.36 -64.18
CA TYR D 21 65.84 21.80 -64.32
C TYR D 21 67.10 22.32 -64.98
N ASN D 22 67.07 23.56 -65.42
CA ASN D 22 68.20 24.18 -66.10
C ASN D 22 69.22 24.56 -65.04
N GLN D 23 70.16 23.66 -64.79
CA GLN D 23 71.17 23.89 -63.77
C GLN D 23 72.08 25.09 -64.00
N PRO D 24 72.71 25.19 -65.19
CA PRO D 24 73.59 26.34 -65.42
C PRO D 24 72.87 27.67 -65.18
N ARG D 25 71.62 27.75 -65.63
CA ARG D 25 70.89 28.99 -65.43
C ARG D 25 70.56 29.27 -63.95
N PHE D 26 70.03 28.28 -63.23
CA PHE D 26 69.69 28.48 -61.83
C PHE D 26 70.89 28.86 -60.95
N MET D 27 72.03 28.24 -61.21
CA MET D 27 73.26 28.51 -60.44
C MET D 27 73.70 29.97 -60.55
N ALA D 28 73.60 30.52 -61.76
CA ALA D 28 73.99 31.90 -61.97
C ALA D 28 73.01 32.82 -61.25
N GLN D 29 71.72 32.49 -61.34
CA GLN D 29 70.70 33.31 -60.70
C GLN D 29 70.88 33.24 -59.19
N TYR D 30 71.17 32.05 -58.67
CA TYR D 30 71.36 31.87 -57.24
C TYR D 30 72.44 32.78 -56.70
N GLN D 31 73.60 32.77 -57.35
CA GLN D 31 74.71 33.63 -56.91
C GLN D 31 74.27 35.08 -56.77
N GLU D 32 73.43 35.54 -57.68
CA GLU D 32 72.92 36.91 -57.60
C GLU D 32 72.01 37.05 -56.41
N LEU D 33 71.11 36.08 -56.23
CA LEU D 33 70.20 36.13 -55.09
C LEU D 33 71.04 36.21 -53.82
N LYS D 34 72.12 35.43 -53.81
CA LYS D 34 73.03 35.39 -52.68
C LYS D 34 73.66 36.76 -52.48
N LYS D 35 74.13 37.34 -53.57
CA LYS D 35 74.78 38.64 -53.51
C LYS D 35 73.80 39.69 -52.99
N ARG D 36 72.51 39.46 -53.19
CA ARG D 36 71.51 40.43 -52.72
C ARG D 36 70.86 40.07 -51.39
N GLY D 37 71.36 39.02 -50.75
CA GLY D 37 70.82 38.61 -49.48
C GLY D 37 69.40 38.07 -49.56
N ILE D 38 69.01 37.63 -50.75
CA ILE D 38 67.68 37.05 -50.92
C ILE D 38 67.83 35.55 -50.72
N LYS D 39 67.07 35.00 -49.78
CA LYS D 39 67.15 33.57 -49.51
C LYS D 39 66.30 32.73 -50.45
N PHE D 40 66.73 31.49 -50.66
CA PHE D 40 66.02 30.57 -51.55
C PHE D 40 65.58 29.37 -50.70
N VAL D 41 64.31 29.01 -50.80
CA VAL D 41 63.78 27.90 -50.03
C VAL D 41 63.02 26.90 -50.90
N VAL D 42 63.30 25.61 -50.70
CA VAL D 42 62.60 24.55 -51.42
C VAL D 42 61.56 24.01 -50.43
N ALA D 43 60.28 24.09 -50.77
CA ALA D 43 59.23 23.60 -49.87
C ALA D 43 58.46 22.54 -50.65
N SER D 44 58.55 21.30 -50.19
CA SER D 44 57.94 20.19 -50.89
C SER D 44 57.46 19.04 -49.99
N GLY D 45 56.55 18.22 -50.52
CA GLY D 45 56.04 17.10 -49.75
C GLY D 45 57.04 15.94 -49.76
N ASN D 46 58.01 15.99 -50.67
CA ASN D 46 59.01 14.93 -50.77
C ASN D 46 60.01 14.89 -49.61
N GLN D 47 60.59 13.71 -49.41
CA GLN D 47 61.53 13.46 -48.34
C GLN D 47 62.77 14.36 -48.48
N TYR D 48 63.33 14.75 -47.35
CA TYR D 48 64.50 15.60 -47.36
C TYR D 48 65.64 15.01 -48.18
N TYR D 49 65.94 13.72 -47.96
CA TYR D 49 67.03 13.09 -48.70
C TYR D 49 66.79 13.02 -50.21
N GLN D 50 65.54 13.14 -50.65
CA GLN D 50 65.31 13.11 -52.09
C GLN D 50 65.46 14.54 -52.65
N LEU D 51 65.04 15.54 -51.87
CA LEU D 51 65.16 16.93 -52.30
C LEU D 51 66.60 17.41 -52.49
N ILE D 52 67.50 17.06 -51.58
CA ILE D 52 68.88 17.49 -51.72
C ILE D 52 69.57 16.85 -52.90
N SER D 53 68.96 15.80 -53.44
CA SER D 53 69.53 15.09 -54.58
C SER D 53 69.45 15.96 -55.82
N PHE D 54 68.58 16.97 -55.78
CA PHE D 54 68.39 17.90 -56.89
C PHE D 54 69.34 19.09 -56.76
N PHE D 55 69.89 19.30 -55.57
CA PHE D 55 70.81 20.41 -55.36
C PHE D 55 72.11 19.95 -54.70
N PRO D 56 72.80 19.00 -55.32
CA PRO D 56 74.05 18.47 -54.76
C PRO D 56 75.09 19.56 -54.48
N GLU D 57 75.16 20.57 -55.34
CA GLU D 57 76.13 21.64 -55.18
C GLU D 57 75.71 22.80 -54.28
N LEU D 58 74.46 22.82 -53.83
CA LEU D 58 73.97 23.90 -52.99
C LEU D 58 73.22 23.47 -51.74
N LYS D 59 73.23 22.17 -51.47
CA LYS D 59 72.54 21.55 -50.34
C LYS D 59 72.72 22.27 -48.99
N ASP D 60 73.92 22.78 -48.71
CA ASP D 60 74.19 23.45 -47.45
C ASP D 60 73.91 24.95 -47.45
N GLU D 61 73.72 25.51 -48.64
CA GLU D 61 73.45 26.94 -48.76
C GLU D 61 71.96 27.28 -48.69
N ILE D 62 71.13 26.53 -49.40
CA ILE D 62 69.71 26.82 -49.37
C ILE D 62 68.99 26.11 -48.23
N SER D 63 67.72 26.45 -48.04
CA SER D 63 66.93 25.86 -46.98
C SER D 63 65.85 24.94 -47.54
N PHE D 64 65.49 23.94 -46.75
CA PHE D 64 64.48 22.99 -47.19
C PHE D 64 63.32 22.80 -46.21
N VAL D 65 62.13 22.82 -46.76
CA VAL D 65 60.92 22.56 -46.05
C VAL D 65 60.46 21.25 -46.63
N ALA D 66 60.89 20.15 -46.02
CA ALA D 66 60.58 18.80 -46.51
C ALA D 66 59.38 18.11 -45.86
N GLU D 67 58.86 17.08 -46.52
CA GLU D 67 57.73 16.33 -45.98
C GLU D 67 56.62 17.32 -45.59
N ASN D 68 56.33 18.26 -46.48
CA ASN D 68 55.31 19.28 -46.21
C ASN D 68 55.45 19.94 -44.84
N GLY D 69 56.66 20.22 -44.42
CA GLY D 69 56.87 20.87 -43.14
C GLY D 69 57.21 19.97 -41.97
N ALA D 70 57.23 18.66 -42.20
CA ALA D 70 57.55 17.75 -41.10
C ALA D 70 59.05 17.73 -40.80
N LEU D 71 59.88 18.19 -41.74
CA LEU D 71 61.33 18.21 -41.56
C LEU D 71 61.86 19.51 -42.19
N VAL D 72 62.44 20.39 -41.38
CA VAL D 72 62.94 21.68 -41.87
C VAL D 72 64.41 21.88 -41.62
N TYR D 73 65.15 22.17 -42.70
CA TYR D 73 66.58 22.42 -42.63
C TYR D 73 66.86 23.87 -42.99
N GLU D 74 67.87 24.44 -42.35
CA GLU D 74 68.25 25.81 -42.65
C GLU D 74 69.76 25.86 -42.83
N HIS D 75 70.19 26.46 -43.93
CA HIS D 75 71.61 26.61 -44.22
C HIS D 75 72.37 25.32 -43.95
N GLY D 76 71.75 24.17 -44.21
CA GLY D 76 72.43 22.91 -44.00
C GLY D 76 72.33 22.23 -42.63
N LYS D 77 71.57 22.81 -41.70
CA LYS D 77 71.43 22.21 -40.39
C LYS D 77 69.97 21.99 -40.03
N GLN D 78 69.66 20.81 -39.50
CA GLN D 78 68.29 20.48 -39.12
C GLN D 78 67.74 21.51 -38.14
N LEU D 79 66.65 22.16 -38.53
CA LEU D 79 66.01 23.16 -37.69
C LEU D 79 64.88 22.54 -36.87
N PHE D 80 64.08 21.71 -37.51
CA PHE D 80 62.94 21.10 -36.83
C PHE D 80 62.41 19.85 -37.51
N HIS D 81 61.78 19.00 -36.72
CA HIS D 81 61.16 17.79 -37.25
C HIS D 81 59.93 17.50 -36.40
N GLY D 82 58.85 17.07 -37.05
CA GLY D 82 57.64 16.73 -36.34
C GLY D 82 57.87 15.38 -35.68
N GLU D 83 56.90 14.91 -34.90
CA GLU D 83 57.09 13.64 -34.20
C GLU D 83 55.84 13.11 -33.54
N LEU D 84 55.34 11.98 -34.04
CA LEU D 84 54.19 11.35 -33.43
C LEU D 84 54.72 10.57 -32.23
N THR D 85 53.90 10.42 -31.20
CA THR D 85 54.31 9.64 -30.04
C THR D 85 54.14 8.19 -30.48
N ARG D 86 54.78 7.27 -29.77
CA ARG D 86 54.67 5.86 -30.09
C ARG D 86 53.20 5.44 -30.04
N HIS D 87 52.46 6.00 -29.08
CA HIS D 87 51.05 5.70 -28.91
C HIS D 87 50.24 6.16 -30.14
N GLU D 88 50.56 7.34 -30.67
CA GLU D 88 49.86 7.86 -31.84
C GLU D 88 50.16 7.10 -33.14
N SER D 89 51.43 6.78 -33.36
CA SER D 89 51.77 6.05 -34.58
C SER D 89 51.10 4.69 -34.54
N ARG D 90 51.06 4.07 -33.37
CA ARG D 90 50.41 2.76 -33.25
C ARG D 90 48.97 2.84 -33.67
N ILE D 91 48.28 3.91 -33.25
CA ILE D 91 46.87 4.12 -33.60
C ILE D 91 46.70 4.28 -35.11
N VAL D 92 47.42 5.24 -35.69
CA VAL D 92 47.36 5.52 -37.13
C VAL D 92 47.63 4.28 -37.97
N ILE D 93 48.73 3.61 -37.66
CA ILE D 93 49.10 2.41 -38.42
C ILE D 93 47.99 1.38 -38.23
N GLY D 94 47.44 1.33 -37.02
CA GLY D 94 46.36 0.39 -36.77
C GLY D 94 45.19 0.65 -37.70
N GLU D 95 44.90 1.94 -37.90
CA GLU D 95 43.80 2.32 -38.77
C GLU D 95 44.07 1.97 -40.23
N LEU D 96 45.27 2.31 -40.70
CA LEU D 96 45.66 2.03 -42.08
C LEU D 96 45.64 0.54 -42.38
N LEU D 97 46.17 -0.27 -41.47
CA LEU D 97 46.22 -1.71 -41.65
C LEU D 97 44.84 -2.37 -41.81
N LYS D 98 43.78 -1.61 -41.56
CA LYS D 98 42.43 -2.16 -41.68
C LYS D 98 41.92 -2.18 -43.11
N ASP D 99 42.54 -1.39 -43.98
CA ASP D 99 42.10 -1.31 -45.37
C ASP D 99 43.01 -2.02 -46.37
N LYS D 100 42.53 -3.11 -46.92
CA LYS D 100 43.27 -3.94 -47.88
C LYS D 100 43.63 -3.28 -49.21
N GLN D 101 42.83 -2.35 -49.69
CA GLN D 101 43.11 -1.70 -50.96
C GLN D 101 44.30 -0.76 -50.86
N LEU D 102 44.77 -0.54 -49.65
CA LEU D 102 45.87 0.40 -49.40
C LEU D 102 47.30 -0.14 -49.62
N ASN D 103 48.14 0.78 -50.01
CA ASN D 103 49.56 0.62 -50.23
C ASN D 103 50.07 1.90 -49.63
N PHE D 104 50.88 1.84 -48.58
CA PHE D 104 51.30 3.09 -47.98
C PHE D 104 52.73 3.05 -47.47
N VAL D 105 53.22 4.22 -47.11
CA VAL D 105 54.57 4.35 -46.60
C VAL D 105 54.56 5.15 -45.30
N ALA D 106 55.41 4.73 -44.37
CA ALA D 106 55.52 5.41 -43.10
C ALA D 106 56.75 6.28 -43.28
N CYS D 107 56.63 7.59 -43.01
CA CYS D 107 57.74 8.50 -43.19
C CYS D 107 58.43 8.86 -41.89
N GLY D 108 59.72 8.55 -41.80
CA GLY D 108 60.45 8.84 -40.58
C GLY D 108 61.59 9.83 -40.73
N LEU D 109 62.19 10.18 -39.61
CA LEU D 109 63.30 11.12 -39.54
C LEU D 109 64.52 10.61 -40.31
N GLN D 110 64.90 9.35 -40.08
CA GLN D 110 66.06 8.76 -40.73
C GLN D 110 65.75 8.13 -42.09
N SER D 111 64.50 7.71 -42.29
CA SER D 111 64.12 7.09 -43.54
C SER D 111 62.62 6.91 -43.63
N ALA D 112 62.15 6.56 -44.82
CA ALA D 112 60.74 6.19 -44.98
C ALA D 112 60.73 4.68 -44.85
N TYR D 113 59.55 4.08 -44.73
CA TYR D 113 59.45 2.64 -44.59
C TYR D 113 58.24 2.12 -45.34
N VAL D 114 58.32 0.86 -45.77
CA VAL D 114 57.25 0.22 -46.51
C VAL D 114 57.34 -1.29 -46.22
N SER D 115 56.21 -1.98 -46.30
CA SER D 115 56.23 -3.42 -46.08
C SER D 115 57.06 -4.10 -47.17
N GLU D 116 57.79 -5.14 -46.79
CA GLU D 116 58.56 -5.89 -47.75
C GLU D 116 57.61 -6.65 -48.69
N ASN D 117 56.34 -6.71 -48.33
CA ASN D 117 55.36 -7.40 -49.17
C ASN D 117 54.55 -6.45 -50.08
N ALA D 118 54.82 -5.16 -50.00
CA ALA D 118 54.10 -4.21 -50.84
C ALA D 118 54.46 -4.53 -52.30
N PRO D 119 53.52 -4.34 -53.25
CA PRO D 119 53.83 -4.63 -54.65
C PRO D 119 55.09 -3.87 -55.07
N GLU D 120 55.89 -4.46 -55.93
CA GLU D 120 57.13 -3.85 -56.36
C GLU D 120 56.96 -2.53 -57.08
N ALA D 121 55.99 -2.45 -57.98
CA ALA D 121 55.75 -1.21 -58.72
C ALA D 121 55.48 -0.03 -57.76
N PHE D 122 54.69 -0.27 -56.71
CA PHE D 122 54.38 0.77 -55.73
C PHE D 122 55.68 1.22 -55.05
N VAL D 123 56.49 0.26 -54.61
CA VAL D 123 57.74 0.60 -53.96
C VAL D 123 58.61 1.45 -54.87
N ALA D 124 58.74 1.05 -56.13
CA ALA D 124 59.55 1.80 -57.09
C ALA D 124 58.99 3.22 -57.23
N LEU D 125 57.66 3.34 -57.28
CA LEU D 125 57.01 4.63 -57.38
C LEU D 125 57.38 5.49 -56.18
N MET D 126 57.42 4.89 -55.01
CA MET D 126 57.75 5.65 -53.80
C MET D 126 59.23 6.00 -53.67
N ALA D 127 60.10 5.18 -54.25
CA ALA D 127 61.52 5.45 -54.17
C ALA D 127 61.80 6.78 -54.88
N LYS D 128 60.95 7.15 -55.82
CA LYS D 128 61.11 8.41 -56.56
C LYS D 128 60.86 9.62 -55.66
N HIS D 129 60.08 9.42 -54.59
CA HIS D 129 59.80 10.50 -53.66
C HIS D 129 60.58 10.38 -52.35
N TYR D 130 61.09 9.18 -52.07
CA TYR D 130 61.87 8.91 -50.87
C TYR D 130 63.13 8.12 -51.25
N HIS D 131 64.24 8.83 -51.39
CA HIS D 131 65.49 8.17 -51.75
C HIS D 131 65.95 7.26 -50.62
N ARG D 132 65.39 7.47 -49.42
CA ARG D 132 65.68 6.59 -48.29
C ARG D 132 64.37 5.84 -47.97
N LEU D 133 64.28 4.64 -48.51
CA LEU D 133 63.09 3.81 -48.36
C LEU D 133 63.52 2.39 -48.01
N LYS D 134 63.25 2.00 -46.76
CA LYS D 134 63.64 0.68 -46.29
C LYS D 134 62.47 -0.26 -46.10
N PRO D 135 62.56 -1.48 -46.64
CA PRO D 135 61.46 -2.43 -46.47
C PRO D 135 61.50 -2.98 -45.03
N VAL D 136 60.34 -3.16 -44.41
CA VAL D 136 60.30 -3.71 -43.05
C VAL D 136 59.32 -4.89 -43.02
N LYS D 137 59.48 -5.77 -42.03
CA LYS D 137 58.59 -6.92 -41.93
C LYS D 137 57.26 -6.45 -41.36
N ASP D 138 57.33 -5.52 -40.41
CA ASP D 138 56.13 -5.02 -39.76
C ASP D 138 56.19 -3.52 -39.51
N TYR D 139 55.17 -2.81 -39.99
CA TYR D 139 55.11 -1.35 -39.82
C TYR D 139 55.12 -0.93 -38.36
N GLN D 140 54.47 -1.72 -37.51
CA GLN D 140 54.37 -1.39 -36.09
C GLN D 140 55.66 -1.44 -35.28
N GLU D 141 56.72 -1.95 -35.88
CA GLU D 141 57.98 -2.01 -35.17
C GLU D 141 59.12 -1.28 -35.86
N ILE D 142 58.89 -0.01 -36.17
CA ILE D 142 59.89 0.81 -36.82
C ILE D 142 60.65 1.57 -35.73
N ASP D 143 61.96 1.33 -35.65
CA ASP D 143 62.81 1.99 -34.67
C ASP D 143 63.28 3.33 -35.24
N ASP D 144 62.42 4.34 -35.16
CA ASP D 144 62.71 5.67 -35.70
C ASP D 144 61.56 6.62 -35.36
N VAL D 145 61.81 7.92 -35.53
CA VAL D 145 60.79 8.94 -35.29
C VAL D 145 59.92 8.94 -36.55
N LEU D 146 58.59 8.91 -36.38
CA LEU D 146 57.68 8.94 -37.52
C LEU D 146 56.92 10.26 -37.49
N PHE D 147 56.69 10.86 -38.65
CA PHE D 147 55.98 12.13 -38.68
C PHE D 147 55.03 12.33 -39.85
N LYS D 148 54.85 11.31 -40.67
CA LYS D 148 53.95 11.43 -41.83
C LYS D 148 53.73 10.06 -42.47
N PHE D 149 52.70 9.94 -43.28
CA PHE D 149 52.43 8.70 -44.00
C PHE D 149 51.97 9.11 -45.38
N SER D 150 52.18 8.25 -46.36
CA SER D 150 51.73 8.57 -47.70
C SER D 150 50.99 7.37 -48.22
N LEU D 151 49.78 7.62 -48.71
CA LEU D 151 48.91 6.57 -49.21
C LEU D 151 48.75 6.64 -50.71
N ASN D 152 48.60 5.47 -51.31
CA ASN D 152 48.39 5.35 -52.75
C ASN D 152 47.21 4.42 -52.92
N LEU D 153 46.23 4.86 -53.71
CA LEU D 153 45.01 4.10 -53.95
C LEU D 153 44.30 4.71 -55.16
N PRO D 154 43.28 4.01 -55.71
CA PRO D 154 42.56 4.55 -56.87
C PRO D 154 42.08 5.98 -56.59
N ASP D 155 42.48 6.91 -57.45
CA ASP D 155 42.13 8.31 -57.28
C ASP D 155 40.67 8.68 -57.04
N GLU D 156 39.74 7.91 -57.58
CA GLU D 156 38.33 8.22 -57.38
C GLU D 156 37.85 7.87 -55.97
N GLN D 157 38.66 7.12 -55.24
CA GLN D 157 38.34 6.69 -53.88
C GLN D 157 38.75 7.74 -52.85
N ILE D 158 39.67 8.61 -53.26
CA ILE D 158 40.25 9.62 -52.39
C ILE D 158 39.34 10.55 -51.57
N PRO D 159 38.38 11.24 -52.21
CA PRO D 159 37.49 12.14 -51.47
C PRO D 159 36.81 11.47 -50.29
N LEU D 160 36.26 10.29 -50.52
CA LEU D 160 35.56 9.54 -49.48
C LEU D 160 36.53 9.00 -48.42
N VAL D 161 37.70 8.53 -48.85
CA VAL D 161 38.69 8.00 -47.92
C VAL D 161 39.26 9.13 -47.05
N ILE D 162 39.45 10.31 -47.63
CA ILE D 162 39.93 11.45 -46.87
C ILE D 162 38.95 11.74 -45.73
N ASP D 163 37.67 11.81 -46.08
CA ASP D 163 36.61 12.07 -45.10
C ASP D 163 36.57 11.02 -44.00
N LYS D 164 36.72 9.75 -44.39
CA LYS D 164 36.69 8.66 -43.42
C LYS D 164 37.91 8.68 -42.51
N LEU D 165 39.10 8.88 -43.09
CA LEU D 165 40.31 8.93 -42.27
C LEU D 165 40.32 10.18 -41.40
N HIS D 166 39.70 11.26 -41.90
CA HIS D 166 39.64 12.49 -41.14
C HIS D 166 38.87 12.27 -39.82
N VAL D 167 37.76 11.54 -39.91
CA VAL D 167 36.98 11.26 -38.71
C VAL D 167 37.73 10.27 -37.82
N ALA D 168 38.13 9.12 -38.39
CA ALA D 168 38.85 8.12 -37.60
C ALA D 168 40.16 8.61 -36.97
N LEU D 169 40.84 9.55 -37.61
CA LEU D 169 42.11 10.00 -37.04
C LEU D 169 42.02 11.39 -36.45
N ASP D 170 40.80 11.88 -36.25
CA ASP D 170 40.62 13.21 -35.70
C ASP D 170 41.40 13.36 -34.39
N GLY D 171 42.18 14.44 -34.29
CA GLY D 171 42.97 14.67 -33.10
C GLY D 171 44.33 14.02 -33.12
N ILE D 172 44.69 13.36 -34.22
CA ILE D 172 46.00 12.71 -34.31
C ILE D 172 46.74 13.14 -35.58
N MET D 173 46.09 13.00 -36.73
CA MET D 173 46.69 13.39 -38.01
C MET D 173 45.57 13.75 -38.97
N LYS D 174 45.88 14.60 -39.95
CA LYS D 174 44.88 15.02 -40.92
C LYS D 174 45.20 14.53 -42.32
N PRO D 175 44.17 14.08 -43.07
CA PRO D 175 44.29 13.57 -44.44
C PRO D 175 44.19 14.70 -45.45
N VAL D 176 45.19 14.83 -46.32
CA VAL D 176 45.18 15.86 -47.35
C VAL D 176 45.52 15.22 -48.68
N THR D 177 45.07 15.84 -49.76
CA THR D 177 45.36 15.34 -51.10
C THR D 177 46.77 15.78 -51.49
N SER D 178 47.58 14.84 -51.96
CA SER D 178 48.95 15.16 -52.35
C SER D 178 49.04 15.31 -53.87
N GLY D 179 48.58 14.27 -54.57
CA GLY D 179 48.60 14.27 -56.02
C GLY D 179 47.66 13.19 -56.49
N PHE D 180 47.64 12.94 -57.80
CA PHE D 180 46.77 11.92 -58.34
C PHE D 180 47.04 10.57 -57.70
N GLY D 181 46.04 10.01 -57.05
CA GLY D 181 46.19 8.71 -56.42
C GLY D 181 46.91 8.74 -55.09
N PHE D 182 47.25 9.93 -54.61
CA PHE D 182 47.96 10.06 -53.34
C PHE D 182 47.22 10.80 -52.24
N ILE D 183 47.54 10.43 -51.00
CA ILE D 183 46.99 11.05 -49.81
C ILE D 183 48.11 11.06 -48.78
N ASP D 184 48.29 12.20 -48.12
CA ASP D 184 49.31 12.33 -47.10
C ASP D 184 48.62 12.49 -45.75
N LEU D 185 49.15 11.82 -44.73
CA LEU D 185 48.63 11.96 -43.39
C LEU D 185 49.69 12.81 -42.70
N ILE D 186 49.30 13.98 -42.21
CA ILE D 186 50.25 14.88 -41.57
C ILE D 186 49.85 15.22 -40.15
N ILE D 187 50.82 15.57 -39.32
CA ILE D 187 50.55 16.01 -37.96
C ILE D 187 49.78 17.32 -38.19
N PRO D 188 48.66 17.55 -37.45
CA PRO D 188 47.86 18.78 -37.65
C PRO D 188 48.66 20.06 -37.56
N GLY D 189 48.43 20.97 -38.51
CA GLY D 189 49.16 22.23 -38.49
C GLY D 189 50.49 22.18 -39.25
N LEU D 190 51.03 20.99 -39.47
CA LEU D 190 52.31 20.84 -40.17
C LEU D 190 52.22 20.76 -41.69
N HIS D 191 52.11 21.91 -42.34
CA HIS D 191 52.06 21.98 -43.80
C HIS D 191 53.20 22.87 -44.25
N LYS D 192 53.23 23.21 -45.54
CA LYS D 192 54.30 24.05 -46.08
C LYS D 192 54.35 25.43 -45.46
N ALA D 193 53.18 26.08 -45.39
CA ALA D 193 53.08 27.41 -44.81
C ALA D 193 53.75 27.41 -43.46
N ASN D 194 53.41 26.40 -42.65
CA ASN D 194 53.97 26.27 -41.32
C ASN D 194 55.50 26.19 -41.34
N GLY D 195 56.04 25.31 -42.19
CA GLY D 195 57.47 25.19 -42.31
C GLY D 195 58.10 26.50 -42.76
N ILE D 196 57.46 27.18 -43.69
CA ILE D 196 57.97 28.46 -44.17
C ILE D 196 57.94 29.50 -43.04
N SER D 197 56.78 29.65 -42.41
CA SER D 197 56.65 30.60 -41.29
C SER D 197 57.74 30.36 -40.27
N ARG D 198 58.13 29.10 -40.13
CA ARG D 198 59.16 28.69 -39.18
C ARG D 198 60.49 29.34 -39.56
N LEU D 199 60.80 29.31 -40.85
CA LEU D 199 62.03 29.91 -41.36
C LEU D 199 61.93 31.44 -41.31
N LEU D 200 60.77 31.97 -41.66
CA LEU D 200 60.56 33.42 -41.65
C LEU D 200 60.77 33.92 -40.22
N LYS D 201 60.18 33.21 -39.26
CA LYS D 201 60.30 33.60 -37.86
C LYS D 201 61.76 33.55 -37.41
N ARG D 202 62.54 32.61 -37.93
CA ARG D 202 63.94 32.53 -37.55
C ARG D 202 64.73 33.66 -38.18
N TRP D 203 64.31 34.04 -39.39
CA TRP D 203 64.99 35.11 -40.12
C TRP D 203 64.43 36.49 -39.78
N ASP D 204 63.29 36.52 -39.11
CA ASP D 204 62.64 37.77 -38.73
C ASP D 204 62.15 38.51 -39.98
N LEU D 205 61.69 37.75 -40.97
CA LEU D 205 61.16 38.30 -42.21
C LEU D 205 59.67 38.03 -42.17
N SER D 206 58.93 38.56 -43.12
CA SER D 206 57.48 38.34 -43.11
C SER D 206 56.93 38.02 -44.49
N PRO D 207 55.75 37.38 -44.54
CA PRO D 207 55.09 37.00 -45.80
C PRO D 207 55.01 38.14 -46.81
N GLN D 208 55.39 39.34 -46.39
CA GLN D 208 55.36 40.49 -47.28
C GLN D 208 56.58 40.54 -48.20
N ASN D 209 57.68 39.93 -47.77
CA ASN D 209 58.90 39.90 -48.55
C ASN D 209 59.11 38.48 -49.08
N VAL D 210 58.01 37.76 -49.28
CA VAL D 210 58.12 36.40 -49.75
C VAL D 210 57.53 36.13 -51.13
N VAL D 211 58.31 35.43 -51.95
CA VAL D 211 57.86 35.03 -53.27
C VAL D 211 57.62 33.51 -53.17
N ALA D 212 56.43 33.06 -53.56
CA ALA D 212 56.12 31.63 -53.52
C ALA D 212 55.73 31.19 -54.93
N ILE D 213 56.09 29.96 -55.27
CA ILE D 213 55.79 29.41 -56.58
C ILE D 213 55.18 28.02 -56.43
N GLY D 214 54.00 27.81 -57.02
CA GLY D 214 53.37 26.50 -56.88
C GLY D 214 52.49 26.09 -58.04
N ASP D 215 52.03 24.83 -58.02
CA ASP D 215 51.19 24.34 -59.11
C ASP D 215 49.98 23.54 -58.66
N SER D 216 50.04 22.92 -57.48
CA SER D 216 48.90 22.11 -57.03
C SER D 216 48.32 22.46 -55.66
N GLY D 217 47.29 21.71 -55.27
CA GLY D 217 46.63 21.93 -53.99
C GLY D 217 47.50 22.02 -52.75
N ASN D 218 48.54 21.18 -52.66
CA ASN D 218 49.39 21.23 -51.48
C ASN D 218 50.23 22.51 -51.40
N ASP D 219 50.00 23.43 -52.33
CA ASP D 219 50.71 24.72 -52.35
C ASP D 219 49.72 25.84 -52.03
N ALA D 220 48.45 25.48 -51.87
CA ALA D 220 47.40 26.43 -51.59
C ALA D 220 47.72 27.42 -50.48
N GLU D 221 48.04 26.92 -49.29
CA GLU D 221 48.34 27.82 -48.18
C GLU D 221 49.64 28.60 -48.34
N MET D 222 50.65 27.99 -48.95
CA MET D 222 51.92 28.67 -49.17
C MET D 222 51.68 29.89 -50.06
N LEU D 223 50.93 29.70 -51.13
CA LEU D 223 50.63 30.78 -52.06
C LEU D 223 49.70 31.83 -51.42
N LYS D 224 48.72 31.35 -50.66
CA LYS D 224 47.78 32.22 -49.99
C LYS D 224 48.53 33.11 -49.00
N MET D 225 49.56 32.55 -48.38
CA MET D 225 50.37 33.26 -47.41
C MET D 225 51.35 34.29 -47.98
N ALA D 226 51.96 33.99 -49.12
CA ALA D 226 52.95 34.91 -49.69
C ALA D 226 52.37 36.11 -50.43
N ARG D 227 53.05 37.25 -50.32
CA ARG D 227 52.62 38.47 -51.00
C ARG D 227 52.74 38.27 -52.51
N TYR D 228 53.91 37.81 -52.95
CA TYR D 228 54.14 37.56 -54.37
C TYR D 228 54.01 36.07 -54.65
N SER D 229 52.78 35.65 -54.87
CA SER D 229 52.47 34.26 -55.13
C SER D 229 52.24 34.00 -56.62
N PHE D 230 52.97 33.03 -57.17
CA PHE D 230 52.86 32.69 -58.59
C PHE D 230 52.38 31.26 -58.81
N ALA D 231 51.41 31.11 -59.71
CA ALA D 231 50.88 29.80 -60.06
C ALA D 231 51.57 29.41 -61.37
N MET D 232 52.10 28.19 -61.42
CA MET D 232 52.75 27.71 -62.63
C MET D 232 51.73 27.65 -63.76
N GLY D 233 52.20 27.83 -64.99
CA GLY D 233 51.31 27.80 -66.13
C GLY D 233 50.48 26.54 -66.23
N ASN D 234 50.96 25.47 -65.61
CA ASN D 234 50.27 24.18 -65.64
C ASN D 234 49.50 23.92 -64.35
N ALA D 235 49.43 24.93 -63.50
CA ALA D 235 48.73 24.78 -62.23
C ALA D 235 47.25 24.55 -62.46
N ALA D 236 46.62 23.88 -61.49
CA ALA D 236 45.19 23.63 -61.56
C ALA D 236 44.48 24.98 -61.45
N GLU D 237 43.26 25.05 -61.97
CA GLU D 237 42.48 26.29 -61.94
C GLU D 237 42.36 26.96 -60.58
N ASN D 238 42.02 26.18 -59.55
CA ASN D 238 41.86 26.73 -58.20
C ASN D 238 43.17 27.29 -57.68
N ILE D 239 44.28 26.75 -58.16
CA ILE D 239 45.58 27.22 -57.74
C ILE D 239 45.84 28.58 -58.41
N LYS D 240 45.50 28.68 -59.69
CA LYS D 240 45.70 29.95 -60.40
C LYS D 240 44.80 31.00 -59.74
N GLN D 241 43.64 30.58 -59.25
CA GLN D 241 42.71 31.50 -58.60
C GLN D 241 43.28 32.00 -57.28
N ILE D 242 44.01 31.15 -56.57
CA ILE D 242 44.61 31.52 -55.29
C ILE D 242 45.81 32.46 -55.45
N ALA D 243 46.64 32.18 -56.46
CA ALA D 243 47.83 32.97 -56.72
C ALA D 243 47.53 34.36 -57.28
N ARG D 244 48.34 35.35 -56.89
CA ARG D 244 48.16 36.70 -57.39
C ARG D 244 48.70 36.85 -58.81
N TYR D 245 49.79 36.16 -59.10
CA TYR D 245 50.41 36.24 -60.41
C TYR D 245 50.56 34.90 -61.11
N ALA D 246 51.02 34.94 -62.35
CA ALA D 246 51.21 33.72 -63.14
C ALA D 246 52.56 33.72 -63.87
N THR D 247 53.00 32.54 -64.28
CA THR D 247 54.26 32.38 -64.98
C THR D 247 54.12 31.18 -65.92
N ASP D 248 55.14 30.93 -66.73
CA ASP D 248 55.12 29.83 -67.68
C ASP D 248 54.99 28.47 -66.98
N ASP D 249 54.66 27.42 -67.75
CA ASP D 249 54.51 26.09 -67.17
C ASP D 249 55.87 25.52 -66.78
N ASN D 250 55.86 24.38 -66.13
CA ASN D 250 57.10 23.79 -65.65
C ASN D 250 58.05 23.28 -66.73
N ASN D 251 57.56 23.15 -67.96
CA ASN D 251 58.42 22.69 -69.04
C ASN D 251 59.08 23.88 -69.73
N HIS D 252 58.77 25.08 -69.28
CA HIS D 252 59.35 26.28 -69.87
C HIS D 252 60.00 27.19 -68.83
N GLU D 253 60.66 26.56 -67.85
CA GLU D 253 61.37 27.26 -66.79
C GLU D 253 60.52 28.32 -66.10
N GLY D 254 59.28 27.95 -65.83
CA GLY D 254 58.35 28.86 -65.17
C GLY D 254 58.89 29.49 -63.90
N ALA D 255 59.44 28.68 -63.00
CA ALA D 255 59.97 29.20 -61.74
C ALA D 255 61.24 30.03 -61.93
N LEU D 256 62.08 29.65 -62.91
CA LEU D 256 63.29 30.40 -63.15
C LEU D 256 62.98 31.80 -63.68
N ASN D 257 61.96 31.90 -64.52
CA ASN D 257 61.59 33.21 -65.06
C ASN D 257 61.09 34.12 -63.94
N VAL D 258 60.38 33.52 -62.98
CA VAL D 258 59.90 34.27 -61.83
C VAL D 258 61.12 34.79 -61.08
N ILE D 259 62.12 33.93 -60.87
CA ILE D 259 63.32 34.36 -60.17
C ILE D 259 63.98 35.49 -60.97
N GLN D 260 63.96 35.36 -62.29
CA GLN D 260 64.57 36.37 -63.15
C GLN D 260 63.87 37.72 -62.96
N ALA D 261 62.53 37.70 -62.87
CA ALA D 261 61.77 38.93 -62.68
C ALA D 261 62.22 39.64 -61.41
N VAL D 262 62.48 38.87 -60.37
CA VAL D 262 62.94 39.42 -59.10
C VAL D 262 64.32 40.04 -59.33
N LEU D 263 65.19 39.33 -60.03
CA LEU D 263 66.54 39.81 -60.30
C LEU D 263 66.59 41.09 -61.13
N ASP D 264 65.81 41.13 -62.21
CA ASP D 264 65.77 42.28 -63.09
C ASP D 264 64.82 43.37 -62.66
N ASN D 265 63.99 43.09 -61.66
CA ASN D 265 63.02 44.07 -61.17
C ASN D 265 61.98 44.42 -62.21
N THR D 266 61.51 43.41 -62.93
CA THR D 266 60.48 43.59 -63.94
C THR D 266 59.14 43.36 -63.27
N TYR D 267 58.06 43.35 -64.04
CA TYR D 267 56.74 43.20 -63.45
C TYR D 267 56.73 42.02 -62.44
N PRO D 268 56.09 42.24 -61.24
CA PRO D 268 55.44 42.39 -59.97
C PRO D 268 56.39 43.16 -59.06
N PHE D 269 57.69 43.14 -59.41
CA PHE D 269 58.71 43.77 -58.57
C PHE D 269 59.30 45.15 -58.97
N ASN D 270 58.47 46.12 -59.38
CA ASN D 270 59.02 47.43 -59.74
C ASN D 270 58.08 48.56 -59.38
MG MG E . -12.52 -19.64 26.03
C ACT F . -3.45 -23.72 21.59
O ACT F . -3.26 -24.98 22.58
OXT ACT F . -4.59 -23.19 21.24
CH3 ACT F . -2.26 -23.04 20.99
AL AF3 G . -13.27 -23.07 25.85
F1 AF3 G . -14.74 -23.82 25.48
F2 AF3 G . -12.14 -23.86 26.80
F3 AF3 G . -12.95 -21.51 25.34
MG MG H . 23.60 56.75 -29.22
AL AF3 I . 22.42 53.66 -29.05
F1 AF3 I . 20.84 53.38 -29.57
F2 AF3 I . 23.09 52.68 -27.85
F3 AF3 I . 23.30 54.94 -29.66
MG MG J . -58.94 -38.35 49.45
AL AF3 K . -58.84 -41.52 50.93
F1 AF3 K . -57.61 -42.48 50.26
F2 AF3 K . -59.63 -41.99 52.34
F3 AF3 K . -59.22 -40.05 50.19
C1 GOL L . -65.41 -46.12 49.28
O1 GOL L . -66.14 -47.48 48.78
C2 GOL L . -64.08 -46.27 49.76
O2 GOL L . -63.92 -47.52 49.80
C3 GOL L . -63.54 -45.40 50.30
O3 GOL L . -63.15 -44.10 50.96
MG MG M . 53.81 20.39 -57.35
AL AF3 N . 55.82 19.45 -54.62
F1 AF3 N . 55.14 19.64 -53.10
F2 AF3 N . 57.49 19.31 -54.81
F3 AF3 N . 54.81 19.47 -55.98
C1 GOL O . 54.04 13.45 -51.43
O1 GOL O . 53.56 14.32 -50.18
C2 GOL O . 53.46 12.25 -51.85
O2 GOL O . 52.30 12.45 -52.49
C3 GOL O . 54.16 11.36 -51.50
O3 GOL O . 55.33 10.63 -50.89
#